data_3T8Q
#
_entry.id   3T8Q
#
_cell.length_a   75.557
_cell.length_b   189.461
_cell.length_c   57.995
_cell.angle_alpha   90.00
_cell.angle_beta   90.00
_cell.angle_gamma   90.00
#
_symmetry.space_group_name_H-M   'P 21 21 2'
#
loop_
_entity.id
_entity.type
_entity.pdbx_description
1 polymer 'Mandelate racemase/muconate lactonizing enzyme family protein'
2 non-polymer 'MAGNESIUM ION'
3 non-polymer 'MALONATE ION'
4 water water
#
_entity_poly.entity_id   1
_entity_poly.type   'polypeptide(L)'
_entity_poly.pdbx_seq_one_letter_code
;QSMKIADIETFANEFVCFVKVTTDSGETGWGQVAPYYADITAQVLHRQVAPYALGKPALDIDYLVDIIPEKEHKFPGSYL
RRALGGLDTALWDLRGRLEGKPVCELIGGTPGTVRAYGSSMKRDITPKDEAARLSRLRDRFGFDAFKFRIGAECGRGQDE
WPGRTEEIVPTIRAAMDDSVALLVDANSCYGPEQAIEVGKMLEQNGISHYEEPCPYWEYEQTQQVTNALSIDVTGGEQDC
ELQNWRRMIEMKAVDIVQPDICYLGGITRTLRVAEMAHKAGLPCTPHAANLSMVTLFTMHLLRAIPNAGKYLEFSIEGED
YYPWQDDLFVASPYEIVDGKATVTDLPGWGVEVSPTWLETSAHQISTWQR
;
_entity_poly.pdbx_strand_id   A,B
#
loop_
_chem_comp.id
_chem_comp.type
_chem_comp.name
_chem_comp.formula
MG non-polymer 'MAGNESIUM ION' 'Mg 2'
MLI non-polymer 'MALONATE ION' 'C3 H2 O4 -2'
#
# COMPACT_ATOMS: atom_id res chain seq x y z
N MET A 3 -9.86 -27.42 15.17
CA MET A 3 -8.49 -26.91 15.49
C MET A 3 -8.47 -25.38 15.35
N LYS A 4 -8.06 -24.68 16.40
CA LYS A 4 -8.06 -23.23 16.37
C LYS A 4 -6.63 -22.72 16.48
N ILE A 5 -6.40 -21.50 15.98
CA ILE A 5 -5.08 -20.90 16.08
C ILE A 5 -4.93 -20.38 17.54
N ALA A 6 -3.98 -20.95 18.27
CA ALA A 6 -3.73 -20.49 19.63
C ALA A 6 -2.62 -19.44 19.78
N ASP A 7 -1.54 -19.53 18.98
CA ASP A 7 -0.41 -18.63 19.14
C ASP A 7 0.15 -18.30 17.77
N ILE A 8 0.58 -17.05 17.61
CA ILE A 8 1.23 -16.63 16.35
C ILE A 8 2.52 -16.03 16.79
N GLU A 9 3.66 -16.56 16.34
CA GLU A 9 4.96 -16.06 16.80
C GLU A 9 5.74 -15.57 15.63
N THR A 10 6.53 -14.53 15.83
CA THR A 10 7.50 -14.07 14.80
C THR A 10 8.89 -14.10 15.34
N PHE A 11 9.86 -14.34 14.46
CA PHE A 11 11.26 -14.40 14.81
C PHE A 11 11.99 -13.58 13.70
N ALA A 12 12.47 -12.39 14.02
CA ALA A 12 12.84 -11.42 12.96
C ALA A 12 14.23 -10.81 13.16
N ASN A 13 14.84 -10.39 12.06
CA ASN A 13 15.88 -9.34 12.14
C ASN A 13 15.43 -8.32 11.08
N GLU A 14 16.30 -7.39 10.66
CA GLU A 14 15.82 -6.33 9.76
C GLU A 14 15.56 -6.86 8.34
N PHE A 15 16.11 -8.05 7.98
CA PHE A 15 15.96 -8.60 6.63
C PHE A 15 14.91 -9.68 6.47
N VAL A 16 14.80 -10.56 7.44
CA VAL A 16 13.94 -11.75 7.34
C VAL A 16 13.14 -11.90 8.63
N CYS A 17 11.87 -12.27 8.50
CA CYS A 17 11.06 -12.65 9.65
C CYS A 17 10.28 -13.93 9.39
N PHE A 18 10.54 -14.94 10.21
CA PHE A 18 9.79 -16.16 10.14
C PHE A 18 8.53 -16.10 11.02
N VAL A 19 7.52 -16.91 10.66
CA VAL A 19 6.24 -16.96 11.36
C VAL A 19 6.00 -18.39 11.81
N LYS A 20 5.65 -18.59 13.06
CA LYS A 20 5.29 -19.92 13.52
C LYS A 20 3.86 -19.86 14.07
N VAL A 21 2.97 -20.71 13.56
CA VAL A 21 1.58 -20.76 14.11
C VAL A 21 1.46 -22.01 14.95
N THR A 22 0.82 -21.91 16.10
CA THR A 22 0.53 -23.14 16.88
C THR A 22 -0.98 -23.27 17.13
N THR A 23 -1.54 -24.45 16.99
CA THR A 23 -2.94 -24.62 17.24
C THR A 23 -3.17 -24.91 18.70
N ASP A 24 -4.43 -24.87 19.10
CA ASP A 24 -4.80 -25.17 20.46
C ASP A 24 -4.59 -26.64 20.83
N SER A 25 -4.34 -27.52 19.87
CA SER A 25 -3.91 -28.86 20.26
C SER A 25 -2.39 -29.07 20.05
N GLY A 26 -1.65 -28.01 19.78
CA GLY A 26 -0.18 -28.03 19.76
C GLY A 26 0.52 -28.33 18.43
N GLU A 27 -0.26 -28.52 17.35
CA GLU A 27 0.33 -28.68 16.00
C GLU A 27 0.87 -27.33 15.55
N THR A 28 1.95 -27.38 14.74
CA THR A 28 2.59 -26.15 14.32
C THR A 28 2.85 -26.09 12.82
N GLY A 29 3.06 -24.86 12.32
CA GLY A 29 3.58 -24.68 10.98
C GLY A 29 4.44 -23.40 10.93
N TRP A 30 5.35 -23.35 9.95
CA TRP A 30 6.33 -22.27 9.79
C TRP A 30 6.21 -21.68 8.43
N GLY A 31 6.21 -20.35 8.39
CA GLY A 31 6.31 -19.73 7.11
C GLY A 31 7.20 -18.48 7.26
N GLN A 32 7.03 -17.54 6.34
CA GLN A 32 7.86 -16.40 6.28
C GLN A 32 7.10 -15.28 5.64
N VAL A 33 7.25 -14.08 6.20
CA VAL A 33 6.89 -12.82 5.51
C VAL A 33 7.92 -12.41 4.44
N ALA A 34 7.54 -11.45 3.60
CA ALA A 34 8.46 -10.92 2.61
C ALA A 34 9.75 -10.38 3.30
N PRO A 35 10.90 -10.60 2.70
CA PRO A 35 12.14 -9.98 3.21
C PRO A 35 12.12 -8.43 3.12
N TYR A 36 12.94 -7.77 3.92
CA TYR A 36 13.20 -6.35 3.91
C TYR A 36 12.30 -5.56 4.88
N TYR A 37 12.91 -4.77 5.75
CA TYR A 37 12.24 -4.05 6.83
C TYR A 37 11.38 -5.05 7.63
N ALA A 38 11.92 -6.25 7.76
CA ALA A 38 11.04 -7.40 8.13
C ALA A 38 10.62 -7.22 9.60
N ASP A 39 11.44 -6.53 10.34
CA ASP A 39 11.13 -6.21 11.74
C ASP A 39 9.96 -5.21 11.90
N ILE A 40 9.73 -4.35 10.89
CA ILE A 40 8.52 -3.53 10.81
C ILE A 40 7.33 -4.44 10.39
N THR A 41 7.50 -5.25 9.34
CA THR A 41 6.44 -6.20 8.98
C THR A 41 5.97 -7.08 10.17
N ALA A 42 6.90 -7.52 11.03
CA ALA A 42 6.54 -8.33 12.23
C ALA A 42 5.57 -7.56 13.13
N GLN A 43 5.83 -6.27 13.35
CA GLN A 43 4.92 -5.49 14.22
C GLN A 43 3.53 -5.36 13.54
N VAL A 44 3.51 -5.11 12.22
CA VAL A 44 2.22 -5.09 11.47
C VAL A 44 1.47 -6.40 11.63
N LEU A 45 2.21 -7.49 11.51
CA LEU A 45 1.56 -8.83 11.71
C LEU A 45 0.86 -8.95 13.10
N HIS A 46 1.58 -8.64 14.17
CA HIS A 46 0.98 -8.68 15.50
C HIS A 46 -0.15 -7.70 15.74
N ARG A 47 -0.05 -6.51 15.19
CA ARG A 47 -1.08 -5.49 15.50
C ARG A 47 -2.31 -5.48 14.57
N GLN A 48 -2.12 -5.94 13.35
CA GLN A 48 -3.14 -5.77 12.31
C GLN A 48 -3.54 -7.07 11.63
N VAL A 49 -2.82 -8.15 11.89
CA VAL A 49 -3.22 -9.45 11.27
C VAL A 49 -3.64 -10.43 12.39
N ALA A 50 -2.72 -10.67 13.33
CA ALA A 50 -3.00 -11.63 14.40
C ALA A 50 -4.32 -11.39 15.17
N PRO A 51 -4.72 -10.12 15.44
CA PRO A 51 -6.01 -10.04 16.19
C PRO A 51 -7.24 -10.66 15.50
N TYR A 52 -7.21 -10.77 14.18
CA TYR A 52 -8.30 -11.33 13.42
C TYR A 52 -8.15 -12.84 13.21
N ALA A 53 -7.01 -13.40 13.56
CA ALA A 53 -6.72 -14.81 13.34
C ALA A 53 -6.83 -15.66 14.59
N LEU A 54 -6.55 -15.10 15.78
CA LEU A 54 -6.47 -15.89 17.03
C LEU A 54 -7.86 -16.42 17.30
N GLY A 55 -7.93 -17.69 17.67
CA GLY A 55 -9.21 -18.32 17.96
C GLY A 55 -9.93 -18.83 16.76
N LYS A 56 -9.40 -18.58 15.57
CA LYS A 56 -10.12 -18.91 14.35
C LYS A 56 -9.69 -20.30 13.85
N PRO A 57 -10.57 -21.00 13.07
CA PRO A 57 -10.20 -22.32 12.51
C PRO A 57 -8.86 -22.30 11.74
N ALA A 58 -7.92 -23.10 12.20
CA ALA A 58 -6.54 -23.14 11.64
C ALA A 58 -6.44 -23.61 10.21
N LEU A 59 -7.38 -24.44 9.83
CA LEU A 59 -7.42 -25.00 8.49
C LEU A 59 -8.13 -24.10 7.44
N ASP A 60 -8.86 -23.07 7.92
CA ASP A 60 -9.62 -22.21 7.00
C ASP A 60 -8.82 -20.95 6.62
N ILE A 61 -7.87 -21.12 5.71
CA ILE A 61 -6.99 -20.01 5.30
C ILE A 61 -7.82 -19.06 4.42
N ASP A 62 -8.71 -19.59 3.59
CA ASP A 62 -9.55 -18.71 2.74
C ASP A 62 -10.23 -17.63 3.56
N TYR A 63 -10.84 -17.98 4.70
CA TYR A 63 -11.54 -16.94 5.47
C TYR A 63 -10.60 -15.82 5.88
N LEU A 64 -9.40 -16.17 6.35
CA LEU A 64 -8.46 -15.17 6.88
C LEU A 64 -7.95 -14.25 5.79
N VAL A 65 -7.53 -14.81 4.66
CA VAL A 65 -6.92 -13.96 3.65
C VAL A 65 -8.00 -13.15 2.95
N ASP A 66 -9.23 -13.60 3.01
CA ASP A 66 -10.31 -12.85 2.44
C ASP A 66 -10.74 -11.67 3.32
N ILE A 67 -10.82 -11.91 4.61
CA ILE A 67 -11.44 -10.94 5.49
C ILE A 67 -10.45 -9.93 6.05
N ILE A 68 -9.18 -10.32 6.22
CA ILE A 68 -8.27 -9.37 6.90
C ILE A 68 -8.04 -8.06 6.12
N PRO A 69 -7.84 -8.14 4.79
CA PRO A 69 -7.77 -6.88 4.00
C PRO A 69 -8.98 -5.95 4.15
N GLU A 70 -10.16 -6.50 4.43
CA GLU A 70 -11.31 -5.65 4.72
C GLU A 70 -11.36 -5.13 6.17
N LYS A 71 -10.98 -5.94 7.12
CA LYS A 71 -10.92 -5.48 8.50
C LYS A 71 -9.94 -4.30 8.59
N GLU A 72 -8.88 -4.34 7.78
CA GLU A 72 -7.86 -3.29 7.79
C GLU A 72 -7.89 -2.47 6.47
N HIS A 73 -9.09 -2.13 5.99
CA HIS A 73 -9.29 -1.47 4.68
C HIS A 73 -8.67 -0.06 4.67
N LYS A 74 -8.27 0.47 5.84
CA LYS A 74 -7.60 1.76 5.91
C LYS A 74 -6.10 1.63 5.54
N PHE A 75 -5.62 0.42 5.34
CA PHE A 75 -4.19 0.13 5.03
C PHE A 75 -4.06 -0.70 3.76
N PRO A 76 -4.50 -0.14 2.64
CA PRO A 76 -4.27 -0.82 1.39
C PRO A 76 -2.75 -0.83 1.12
N GLY A 77 -2.27 -1.80 0.38
CA GLY A 77 -0.86 -1.77 0.08
C GLY A 77 0.01 -2.81 0.76
N SER A 78 1.29 -2.52 0.74
CA SER A 78 2.31 -3.57 0.90
C SER A 78 2.39 -4.23 2.28
N TYR A 79 2.61 -3.46 3.35
CA TYR A 79 2.93 -4.08 4.61
C TYR A 79 1.87 -5.05 5.12
N LEU A 80 0.61 -4.68 4.98
CA LEU A 80 -0.47 -5.55 5.43
C LEU A 80 -0.39 -6.86 4.66
N ARG A 81 -0.18 -6.74 3.37
CA ARG A 81 -0.04 -7.90 2.55
C ARG A 81 1.20 -8.77 2.88
N ARG A 82 2.32 -8.11 3.15
CA ARG A 82 3.52 -8.80 3.57
C ARG A 82 3.24 -9.58 4.86
N ALA A 83 2.55 -8.96 5.81
CA ALA A 83 2.26 -9.65 7.08
C ALA A 83 1.31 -10.83 6.84
N LEU A 84 0.27 -10.63 6.02
CA LEU A 84 -0.70 -11.67 5.71
C LEU A 84 -0.02 -12.91 5.06
N GLY A 85 0.97 -12.71 4.18
CA GLY A 85 1.65 -13.84 3.57
C GLY A 85 2.44 -14.72 4.54
N GLY A 86 2.97 -14.11 5.60
CA GLY A 86 3.58 -14.83 6.74
C GLY A 86 2.62 -15.79 7.35
N LEU A 87 1.42 -15.30 7.64
CA LEU A 87 0.39 -16.13 8.29
C LEU A 87 -0.07 -17.24 7.31
N ASP A 88 -0.34 -16.87 6.05
CA ASP A 88 -0.80 -17.83 5.03
C ASP A 88 0.22 -18.97 4.82
N THR A 89 1.50 -18.61 4.67
CA THR A 89 2.50 -19.66 4.39
C THR A 89 2.68 -20.56 5.59
N ALA A 90 2.60 -20.02 6.82
CA ALA A 90 2.73 -20.87 7.99
C ALA A 90 1.55 -21.82 8.11
N LEU A 91 0.35 -21.32 7.77
CA LEU A 91 -0.86 -22.20 7.80
C LEU A 91 -0.82 -23.29 6.71
N TRP A 92 -0.27 -22.99 5.53
CA TRP A 92 -0.07 -24.07 4.54
C TRP A 92 0.93 -25.16 5.03
N ASP A 93 2.02 -24.71 5.67
CA ASP A 93 2.98 -25.68 6.25
C ASP A 93 2.30 -26.50 7.34
N LEU A 94 1.45 -25.86 8.14
CA LEU A 94 0.75 -26.59 9.23
C LEU A 94 -0.15 -27.69 8.64
N ARG A 95 -0.91 -27.34 7.63
CA ARG A 95 -1.75 -28.37 6.96
C ARG A 95 -0.88 -29.46 6.33
N GLY A 96 0.23 -29.09 5.70
CA GLY A 96 1.08 -30.04 5.05
C GLY A 96 1.60 -31.05 6.06
N ARG A 97 2.04 -30.58 7.22
CA ARG A 97 2.50 -31.42 8.29
C ARG A 97 1.38 -32.29 8.92
N LEU A 98 0.19 -31.76 9.04
CA LEU A 98 -0.93 -32.52 9.54
C LEU A 98 -1.28 -33.70 8.65
N GLU A 99 -1.28 -33.48 7.36
CA GLU A 99 -1.64 -34.49 6.38
C GLU A 99 -0.46 -35.34 5.94
N GLY A 100 0.72 -34.97 6.35
CA GLY A 100 1.93 -35.64 5.88
C GLY A 100 2.22 -35.46 4.40
N LYS A 101 2.00 -34.25 3.87
CA LYS A 101 2.17 -34.04 2.43
C LYS A 101 2.94 -32.74 2.19
N PRO A 102 3.76 -32.69 1.10
CA PRO A 102 4.38 -31.44 0.74
C PRO A 102 3.26 -30.49 0.27
N VAL A 103 3.50 -29.16 0.43
CA VAL A 103 2.53 -28.19 0.02
C VAL A 103 2.09 -28.37 -1.47
N CYS A 104 3.04 -28.64 -2.37
CA CYS A 104 2.71 -28.86 -3.79
C CYS A 104 1.58 -29.90 -3.98
N GLU A 105 1.58 -31.00 -3.22
CA GLU A 105 0.48 -31.98 -3.29
C GLU A 105 -0.89 -31.47 -2.81
N LEU A 106 -0.91 -30.52 -1.86
CA LEU A 106 -2.12 -29.94 -1.31
C LEU A 106 -2.80 -29.07 -2.40
N ILE A 107 -1.99 -28.51 -3.32
CA ILE A 107 -2.49 -27.57 -4.28
C ILE A 107 -2.53 -28.12 -5.70
N GLY A 108 -2.49 -29.43 -5.77
CA GLY A 108 -2.83 -30.12 -6.97
C GLY A 108 -1.65 -30.59 -7.76
N GLY A 109 -0.43 -30.44 -7.23
CA GLY A 109 0.74 -30.94 -7.94
C GLY A 109 1.42 -32.13 -7.30
N THR A 110 2.71 -32.24 -7.61
CA THR A 110 3.52 -33.42 -7.38
C THR A 110 4.98 -33.07 -7.02
N PRO A 111 5.66 -33.83 -6.14
CA PRO A 111 7.14 -33.51 -5.99
C PRO A 111 7.92 -33.77 -7.29
N GLY A 112 9.03 -33.08 -7.50
CA GLY A 112 9.80 -33.28 -8.72
C GLY A 112 10.62 -32.06 -9.00
N THR A 113 11.13 -31.96 -10.20
CA THR A 113 12.05 -30.86 -10.49
C THR A 113 11.40 -29.68 -11.21
N VAL A 114 12.11 -28.55 -11.11
CA VAL A 114 11.73 -27.35 -11.79
C VAL A 114 12.99 -26.82 -12.52
N ARG A 115 12.88 -26.57 -13.83
CA ARG A 115 13.98 -25.88 -14.56
C ARG A 115 14.20 -24.50 -13.92
N ALA A 116 15.44 -24.14 -13.66
CA ALA A 116 15.70 -22.81 -13.07
C ALA A 116 16.43 -21.88 -14.02
N TYR A 117 16.20 -20.58 -13.88
CA TYR A 117 17.06 -19.63 -14.55
C TYR A 117 17.89 -18.89 -13.50
N GLY A 118 19.20 -18.76 -13.78
CA GLY A 118 20.08 -18.08 -12.83
C GLY A 118 19.82 -16.58 -12.97
N SER A 119 19.49 -15.94 -11.88
CA SER A 119 18.99 -14.57 -11.99
C SER A 119 20.02 -13.65 -11.34
N SER A 120 20.54 -12.72 -12.14
CA SER A 120 21.60 -11.79 -11.67
C SER A 120 20.85 -10.54 -11.10
N MET A 121 21.23 -10.02 -9.93
CA MET A 121 20.51 -8.83 -9.46
C MET A 121 21.33 -7.52 -9.70
N LYS A 122 22.57 -7.65 -10.18
CA LYS A 122 23.54 -6.54 -10.10
C LYS A 122 23.44 -5.67 -11.34
N ARG A 123 23.56 -4.36 -11.20
CA ARG A 123 23.74 -3.44 -12.33
C ARG A 123 25.18 -2.91 -12.34
N ASP A 124 25.79 -3.13 -11.23
CA ASP A 124 27.14 -2.85 -10.94
C ASP A 124 28.19 -3.55 -11.82
N ILE A 125 27.94 -4.76 -12.18
CA ILE A 125 28.85 -5.59 -12.86
C ILE A 125 29.01 -5.16 -14.30
N THR A 126 30.22 -5.24 -14.84
CA THR A 126 30.42 -4.93 -16.25
C THR A 126 29.86 -6.08 -17.14
N PRO A 127 29.51 -5.78 -18.39
CA PRO A 127 29.04 -6.87 -19.31
C PRO A 127 30.01 -8.07 -19.38
N LYS A 128 31.31 -7.85 -19.50
CA LYS A 128 32.26 -8.97 -19.56
C LYS A 128 32.34 -9.84 -18.30
N ASP A 129 32.28 -9.18 -17.14
CA ASP A 129 32.22 -9.86 -15.87
C ASP A 129 30.92 -10.66 -15.70
N GLU A 130 29.82 -10.11 -16.18
CA GLU A 130 28.55 -10.79 -16.07
C GLU A 130 28.62 -12.00 -17.02
N ALA A 131 29.14 -11.79 -18.23
CA ALA A 131 29.34 -12.90 -19.17
C ALA A 131 30.21 -14.05 -18.55
N ALA A 132 31.32 -13.69 -17.94
CA ALA A 132 32.17 -14.63 -17.23
C ALA A 132 31.52 -15.37 -16.05
N ARG A 133 30.83 -14.65 -15.19
CA ARG A 133 30.17 -15.23 -14.05
C ARG A 133 29.05 -16.21 -14.43
N LEU A 134 28.24 -15.80 -15.38
CA LEU A 134 27.21 -16.66 -15.88
C LEU A 134 27.72 -17.91 -16.61
N SER A 135 28.72 -17.78 -17.49
CA SER A 135 29.35 -18.97 -18.09
C SER A 135 29.84 -19.93 -17.02
N ARG A 136 30.40 -19.42 -15.95
CA ARG A 136 30.98 -20.25 -14.90
C ARG A 136 29.84 -21.01 -14.17
N LEU A 137 28.73 -20.29 -13.93
CA LEU A 137 27.54 -20.89 -13.27
C LEU A 137 26.95 -21.98 -14.18
N ARG A 138 26.92 -21.75 -15.49
CA ARG A 138 26.47 -22.77 -16.40
C ARG A 138 27.37 -24.02 -16.35
N ASP A 139 28.68 -23.81 -16.37
CA ASP A 139 29.65 -24.89 -16.23
C ASP A 139 29.42 -25.71 -14.96
N ARG A 140 29.26 -25.03 -13.84
CA ARG A 140 29.17 -25.69 -12.51
C ARG A 140 27.81 -26.38 -12.23
N PHE A 141 26.75 -25.70 -12.53
CA PHE A 141 25.41 -26.08 -12.09
C PHE A 141 24.47 -26.52 -13.19
N GLY A 142 24.80 -26.21 -14.45
CA GLY A 142 24.04 -26.73 -15.58
C GLY A 142 22.89 -25.80 -15.97
N PHE A 143 22.81 -24.58 -15.40
CA PHE A 143 21.69 -23.68 -15.78
C PHE A 143 21.66 -23.55 -17.31
N ASP A 144 20.46 -23.55 -17.89
CA ASP A 144 20.30 -23.33 -19.33
C ASP A 144 19.38 -22.14 -19.58
N ALA A 145 19.30 -21.25 -18.58
CA ALA A 145 18.63 -19.97 -18.75
C ALA A 145 19.21 -19.02 -17.73
N PHE A 146 19.33 -17.74 -18.11
CA PHE A 146 19.78 -16.70 -17.18
C PHE A 146 19.04 -15.41 -17.44
N LYS A 147 18.86 -14.62 -16.37
CA LYS A 147 18.34 -13.24 -16.48
C LYS A 147 19.37 -12.25 -15.97
N PHE A 148 19.51 -11.13 -16.69
CA PHE A 148 20.45 -10.11 -16.26
C PHE A 148 19.76 -8.75 -16.34
N ARG A 149 20.40 -7.71 -15.81
CA ARG A 149 19.76 -6.39 -15.78
C ARG A 149 20.12 -5.47 -16.92
N ILE A 150 19.11 -4.67 -17.37
CA ILE A 150 19.35 -3.58 -18.30
C ILE A 150 18.74 -2.30 -17.77
N GLY A 151 19.11 -1.17 -18.37
CA GLY A 151 18.69 0.12 -17.86
C GLY A 151 19.13 0.37 -16.41
N ALA A 152 18.39 1.24 -15.75
CA ALA A 152 18.63 1.55 -14.36
C ALA A 152 17.28 1.39 -13.65
N GLU A 153 17.28 0.93 -12.41
CA GLU A 153 16.05 0.76 -11.65
C GLU A 153 15.30 2.10 -11.42
N CYS A 154 14.07 2.15 -11.89
CA CYS A 154 13.22 3.31 -11.85
C CYS A 154 14.08 4.46 -12.49
N GLY A 155 14.81 4.14 -13.52
CA GLY A 155 15.74 5.06 -14.13
C GLY A 155 15.23 6.27 -14.87
N ARG A 156 13.94 6.32 -15.16
CA ARG A 156 13.41 7.45 -15.91
C ARG A 156 14.17 7.61 -17.24
N GLY A 157 14.48 6.51 -17.87
CA GLY A 157 15.06 6.47 -19.17
C GLY A 157 16.57 6.48 -19.24
N GLN A 158 17.20 6.65 -18.10
CA GLN A 158 18.71 6.70 -18.07
C GLN A 158 19.24 5.29 -17.84
N ASP A 159 20.37 4.95 -18.47
CA ASP A 159 20.99 3.64 -18.25
C ASP A 159 21.85 3.73 -16.98
N GLU A 160 22.29 2.58 -16.45
CA GLU A 160 23.18 2.57 -15.28
C GLU A 160 24.48 3.38 -15.60
N TRP A 161 25.04 3.23 -16.79
CA TRP A 161 26.09 4.12 -17.30
C TRP A 161 25.93 4.09 -18.78
N PRO A 162 26.50 5.09 -19.51
CA PRO A 162 26.13 5.18 -20.92
C PRO A 162 26.60 3.93 -21.73
N GLY A 163 25.71 3.31 -22.47
CA GLY A 163 26.13 2.22 -23.28
C GLY A 163 26.16 0.85 -22.59
N ARG A 164 25.82 0.79 -21.30
CA ARG A 164 25.82 -0.50 -20.64
C ARG A 164 24.83 -1.46 -21.31
N THR A 165 23.58 -1.01 -21.49
CA THR A 165 22.55 -1.85 -22.11
C THR A 165 22.89 -2.30 -23.53
N GLU A 166 23.50 -1.43 -24.32
CA GLU A 166 23.82 -1.75 -25.72
C GLU A 166 24.91 -2.82 -25.81
N GLU A 167 25.81 -2.79 -24.83
CA GLU A 167 26.88 -3.76 -24.79
C GLU A 167 26.46 -5.09 -24.13
N ILE A 168 25.75 -5.05 -23.00
CA ILE A 168 25.55 -6.26 -22.24
C ILE A 168 24.70 -7.28 -22.99
N VAL A 169 23.69 -6.80 -23.69
CA VAL A 169 22.79 -7.69 -24.41
C VAL A 169 23.54 -8.56 -25.44
N PRO A 170 24.19 -7.96 -26.44
CA PRO A 170 24.98 -8.89 -27.31
C PRO A 170 26.18 -9.63 -26.66
N THR A 171 26.82 -9.01 -25.64
CA THR A 171 27.93 -9.67 -24.96
C THR A 171 27.51 -10.98 -24.27
N ILE A 172 26.40 -10.96 -23.54
CA ILE A 172 25.92 -12.21 -22.90
C ILE A 172 25.41 -13.20 -24.01
N ARG A 173 24.69 -12.69 -25.01
CA ARG A 173 24.21 -13.59 -26.09
C ARG A 173 25.36 -14.31 -26.77
N ALA A 174 26.46 -13.60 -27.00
CA ALA A 174 27.67 -14.22 -27.64
C ALA A 174 28.36 -15.23 -26.74
N ALA A 175 28.29 -15.02 -25.43
CA ALA A 175 28.99 -15.91 -24.54
C ALA A 175 28.22 -17.25 -24.34
N MET A 176 26.91 -17.27 -24.61
CA MET A 176 26.05 -18.39 -24.23
C MET A 176 25.72 -19.27 -25.42
N ASP A 177 25.85 -20.58 -25.28
CA ASP A 177 25.33 -21.53 -26.32
C ASP A 177 23.87 -21.19 -26.68
N ASP A 178 23.51 -21.40 -27.96
CA ASP A 178 22.16 -21.15 -28.49
C ASP A 178 21.04 -21.87 -27.73
N SER A 179 21.37 -22.97 -27.05
CA SER A 179 20.37 -23.64 -26.27
C SER A 179 20.11 -22.95 -24.89
N VAL A 180 20.85 -21.87 -24.57
CA VAL A 180 20.59 -21.15 -23.33
C VAL A 180 19.59 -20.00 -23.59
N ALA A 181 18.50 -19.97 -22.84
CA ALA A 181 17.53 -18.89 -22.95
C ALA A 181 18.07 -17.67 -22.18
N LEU A 182 17.79 -16.48 -22.67
CA LEU A 182 18.29 -15.28 -22.04
C LEU A 182 17.11 -14.34 -21.79
N LEU A 183 17.03 -13.82 -20.57
CA LEU A 183 15.93 -12.98 -20.09
C LEU A 183 16.58 -11.66 -19.61
N VAL A 184 15.82 -10.57 -19.61
CA VAL A 184 16.32 -9.27 -19.06
C VAL A 184 15.24 -8.66 -18.23
N ASP A 185 15.65 -7.75 -17.33
CA ASP A 185 14.76 -7.04 -16.46
C ASP A 185 15.21 -5.62 -16.45
N ALA A 186 14.29 -4.73 -16.82
CA ALA A 186 14.55 -3.29 -16.89
C ALA A 186 14.09 -2.59 -15.62
N ASN A 187 13.41 -3.30 -14.71
CA ASN A 187 13.00 -2.69 -13.42
C ASN A 187 12.42 -1.28 -13.55
N SER A 188 11.45 -1.13 -14.46
CA SER A 188 10.67 0.12 -14.57
C SER A 188 11.45 1.30 -15.20
N CYS A 189 12.55 1.05 -15.89
CA CYS A 189 13.36 2.15 -16.41
C CYS A 189 12.67 3.08 -17.48
N TYR A 190 11.97 2.50 -18.46
CA TYR A 190 11.69 3.27 -19.67
C TYR A 190 10.28 3.78 -19.83
N GLY A 191 10.08 4.91 -20.52
CA GLY A 191 8.73 5.18 -21.04
C GLY A 191 8.49 4.24 -22.21
N PRO A 192 7.26 4.17 -22.71
CA PRO A 192 6.95 3.19 -23.73
C PRO A 192 7.76 3.30 -25.03
N GLU A 193 7.97 4.50 -25.52
CA GLU A 193 8.66 4.68 -26.75
C GLU A 193 10.13 4.18 -26.68
N GLN A 194 10.81 4.51 -25.62
CA GLN A 194 12.13 4.03 -25.41
C GLN A 194 12.09 2.50 -25.17
N ALA A 195 11.14 2.05 -24.39
CA ALA A 195 10.96 0.63 -24.15
C ALA A 195 10.81 -0.22 -25.42
N ILE A 196 10.05 0.30 -26.37
CA ILE A 196 9.84 -0.35 -27.67
C ILE A 196 11.18 -0.43 -28.43
N GLU A 197 11.87 0.71 -28.53
CA GLU A 197 13.18 0.76 -29.22
C GLU A 197 14.18 -0.25 -28.59
N VAL A 198 14.27 -0.29 -27.26
CA VAL A 198 15.07 -1.30 -26.57
C VAL A 198 14.58 -2.71 -26.88
N GLY A 199 13.26 -2.94 -26.83
CA GLY A 199 12.77 -4.29 -27.06
C GLY A 199 13.02 -4.75 -28.49
N LYS A 200 13.00 -3.85 -29.47
CA LYS A 200 13.39 -4.22 -30.84
C LYS A 200 14.85 -4.68 -30.93
N MET A 201 15.72 -4.04 -30.17
CA MET A 201 17.09 -4.56 -30.02
C MET A 201 17.14 -5.93 -29.31
N LEU A 202 16.38 -6.13 -28.22
CA LEU A 202 16.42 -7.45 -27.57
C LEU A 202 16.03 -8.57 -28.54
N GLU A 203 14.95 -8.35 -29.27
CA GLU A 203 14.42 -9.29 -30.28
C GLU A 203 15.40 -9.66 -31.34
N GLN A 204 16.27 -8.74 -31.70
CA GLN A 204 17.28 -9.01 -32.71
C GLN A 204 18.50 -9.68 -32.13
N ASN A 205 18.56 -9.81 -30.80
CA ASN A 205 19.73 -10.38 -30.16
C ASN A 205 19.43 -11.63 -29.34
N GLY A 206 18.44 -12.42 -29.73
CA GLY A 206 18.17 -13.70 -29.05
C GLY A 206 17.72 -13.63 -27.61
N ILE A 207 17.10 -12.53 -27.20
CA ILE A 207 16.53 -12.44 -25.86
C ILE A 207 15.07 -12.91 -25.96
N SER A 208 14.58 -13.63 -24.96
CA SER A 208 13.22 -14.18 -25.06
C SER A 208 12.23 -13.72 -23.94
N HIS A 209 12.65 -12.80 -23.10
CA HIS A 209 11.79 -12.41 -21.98
C HIS A 209 12.18 -11.01 -21.58
N TYR A 210 11.23 -10.08 -21.54
CA TYR A 210 11.51 -8.65 -21.32
C TYR A 210 10.69 -8.18 -20.13
N GLU A 211 11.35 -8.16 -18.97
CA GLU A 211 10.64 -7.87 -17.72
C GLU A 211 10.59 -6.39 -17.31
N GLU A 212 9.38 -5.95 -16.98
CA GLU A 212 9.09 -4.63 -16.40
C GLU A 212 9.73 -3.50 -17.18
N PRO A 213 9.38 -3.35 -18.45
CA PRO A 213 10.00 -2.29 -19.27
C PRO A 213 9.68 -0.90 -18.80
N CYS A 214 8.46 -0.67 -18.28
CA CYS A 214 8.01 0.65 -17.87
C CYS A 214 7.63 0.67 -16.37
N PRO A 215 7.42 1.87 -15.77
CA PRO A 215 6.94 2.00 -14.38
C PRO A 215 5.83 1.03 -14.21
N TYR A 216 6.01 0.15 -13.27
CA TYR A 216 5.16 -1.00 -13.10
C TYR A 216 3.70 -0.62 -12.88
N TRP A 217 3.52 0.49 -12.19
CA TRP A 217 2.26 1.11 -11.82
C TRP A 217 1.46 1.70 -13.02
N GLU A 218 2.10 1.97 -14.13
CA GLU A 218 1.49 2.50 -15.31
C GLU A 218 1.07 1.40 -16.31
N TYR A 219 -0.07 0.76 -16.11
CA TYR A 219 -0.41 -0.41 -16.94
C TYR A 219 -0.51 -0.12 -18.41
N GLU A 220 -1.00 1.06 -18.75
CA GLU A 220 -1.19 1.41 -20.18
C GLU A 220 0.14 1.60 -20.91
N GLN A 221 1.18 2.04 -20.19
CA GLN A 221 2.51 2.12 -20.79
C GLN A 221 3.05 0.69 -21.11
N THR A 222 2.97 -0.22 -20.14
CA THR A 222 3.42 -1.57 -20.35
C THR A 222 2.59 -2.21 -21.45
N GLN A 223 1.27 -1.95 -21.47
CA GLN A 223 0.38 -2.51 -22.48
C GLN A 223 0.83 -2.08 -23.89
N GLN A 224 1.29 -0.82 -23.99
CA GLN A 224 1.73 -0.29 -25.30
C GLN A 224 2.93 -1.10 -25.82
N VAL A 225 3.83 -1.46 -24.89
CA VAL A 225 5.06 -2.21 -25.25
C VAL A 225 4.69 -3.66 -25.69
N THR A 226 3.90 -4.31 -24.85
CA THR A 226 3.41 -5.67 -25.13
C THR A 226 2.77 -5.68 -26.57
N ASN A 227 1.99 -4.64 -26.92
CA ASN A 227 1.34 -4.56 -28.20
C ASN A 227 2.26 -4.25 -29.40
N ALA A 228 3.41 -3.65 -29.13
CA ALA A 228 4.30 -3.28 -30.23
C ALA A 228 5.38 -4.34 -30.54
N LEU A 229 5.66 -5.20 -29.56
CA LEU A 229 6.80 -6.13 -29.61
C LEU A 229 6.39 -7.59 -29.86
N SER A 230 7.33 -8.39 -30.36
CA SER A 230 7.17 -9.87 -30.41
C SER A 230 7.71 -10.55 -29.16
N ILE A 231 8.77 -10.00 -28.58
CA ILE A 231 9.34 -10.66 -27.36
C ILE A 231 8.28 -10.62 -26.28
N ASP A 232 8.18 -11.67 -25.43
CA ASP A 232 7.22 -11.73 -24.31
C ASP A 232 7.58 -10.61 -23.33
N VAL A 233 6.59 -9.78 -22.98
CA VAL A 233 6.77 -8.76 -21.96
C VAL A 233 6.16 -9.28 -20.64
N THR A 234 6.80 -9.03 -19.53
CA THR A 234 6.42 -9.71 -18.28
C THR A 234 6.39 -8.70 -17.13
N GLY A 235 5.63 -9.00 -16.06
CA GLY A 235 5.60 -8.04 -14.96
C GLY A 235 4.65 -8.50 -13.85
N GLY A 236 4.70 -7.80 -12.72
CA GLY A 236 3.74 -8.03 -11.70
C GLY A 236 4.38 -8.11 -10.31
N GLU A 237 5.71 -8.20 -10.22
CA GLU A 237 6.33 -8.57 -8.91
C GLU A 237 5.95 -7.61 -7.76
N GLN A 238 5.74 -6.30 -8.01
CA GLN A 238 5.32 -5.35 -6.94
C GLN A 238 3.79 -5.23 -6.77
N ASP A 239 3.02 -5.93 -7.58
CA ASP A 239 1.56 -5.83 -7.54
C ASP A 239 0.96 -6.72 -6.42
N CYS A 240 0.39 -6.07 -5.38
CA CYS A 240 -0.07 -6.83 -4.23
C CYS A 240 -1.61 -6.75 -4.04
N GLU A 241 -2.32 -6.15 -5.01
CA GLU A 241 -3.76 -5.92 -4.89
C GLU A 241 -4.51 -6.73 -5.91
N LEU A 242 -5.46 -7.54 -5.46
CA LEU A 242 -6.15 -8.42 -6.43
C LEU A 242 -6.95 -7.64 -7.48
N GLN A 243 -7.59 -6.54 -7.09
CA GLN A 243 -8.33 -5.75 -8.06
C GLN A 243 -7.40 -5.21 -9.15
N ASN A 244 -6.14 -4.91 -8.78
CA ASN A 244 -5.16 -4.45 -9.77
C ASN A 244 -4.75 -5.58 -10.70
N TRP A 245 -4.50 -6.77 -10.14
CA TRP A 245 -4.28 -7.94 -10.99
C TRP A 245 -5.41 -8.21 -11.98
N ARG A 246 -6.65 -8.07 -11.57
CA ARG A 246 -7.79 -8.32 -12.44
C ARG A 246 -7.74 -7.42 -13.67
N ARG A 247 -7.49 -6.17 -13.41
CA ARG A 247 -7.37 -5.17 -14.43
C ARG A 247 -6.20 -5.41 -15.38
N MET A 248 -5.07 -5.78 -14.82
CA MET A 248 -3.88 -6.02 -15.61
C MET A 248 -4.09 -7.16 -16.60
N ILE A 249 -4.67 -8.21 -16.08
CA ILE A 249 -5.01 -9.38 -16.86
C ILE A 249 -6.10 -9.12 -17.92
N GLU A 250 -7.15 -8.41 -17.53
CA GLU A 250 -8.26 -8.09 -18.42
C GLU A 250 -7.72 -7.24 -19.59
N MET A 251 -6.82 -6.34 -19.28
CA MET A 251 -6.10 -5.53 -20.22
C MET A 251 -5.06 -6.25 -21.09
N LYS A 252 -4.71 -7.46 -20.72
CA LYS A 252 -3.54 -8.18 -21.29
C LYS A 252 -2.34 -7.22 -21.31
N ALA A 253 -2.03 -6.60 -20.19
CA ALA A 253 -0.94 -5.63 -20.17
C ALA A 253 0.40 -6.29 -20.34
N VAL A 254 0.50 -7.56 -19.96
CA VAL A 254 1.69 -8.35 -20.10
C VAL A 254 1.37 -9.71 -20.76
N ASP A 255 2.43 -10.38 -21.23
CA ASP A 255 2.34 -11.75 -21.75
C ASP A 255 2.45 -12.81 -20.67
N ILE A 256 3.14 -12.47 -19.58
CA ILE A 256 3.47 -13.44 -18.54
C ILE A 256 3.30 -12.75 -17.23
N VAL A 257 2.55 -13.33 -16.26
CA VAL A 257 2.38 -12.60 -15.00
C VAL A 257 3.44 -13.15 -14.01
N GLN A 258 3.94 -12.28 -13.14
CA GLN A 258 5.08 -12.61 -12.22
C GLN A 258 4.73 -12.14 -10.81
N PRO A 259 3.63 -12.63 -10.25
CA PRO A 259 3.46 -12.24 -8.85
C PRO A 259 4.62 -12.71 -7.96
N ASP A 260 4.81 -12.02 -6.84
CA ASP A 260 5.73 -12.50 -5.80
C ASP A 260 4.87 -13.02 -4.65
N ILE A 261 5.05 -14.31 -4.27
CA ILE A 261 4.15 -14.98 -3.31
C ILE A 261 4.15 -14.17 -2.00
N CYS A 262 5.33 -13.68 -1.60
CA CYS A 262 5.38 -12.94 -0.34
C CYS A 262 4.85 -11.49 -0.46
N TYR A 263 5.15 -10.77 -1.52
CA TYR A 263 4.61 -9.40 -1.62
C TYR A 263 3.10 -9.38 -1.83
N LEU A 264 2.61 -10.42 -2.51
CA LEU A 264 1.18 -10.51 -2.81
C LEU A 264 0.33 -10.96 -1.62
N GLY A 265 0.91 -11.68 -0.67
CA GLY A 265 0.13 -12.02 0.55
C GLY A 265 -0.10 -13.50 0.69
N GLY A 266 0.71 -14.32 0.00
CA GLY A 266 0.84 -15.76 0.30
C GLY A 266 0.30 -16.65 -0.80
N ILE A 267 0.21 -17.94 -0.50
CA ILE A 267 -0.11 -18.97 -1.49
C ILE A 267 -1.56 -18.87 -2.02
N THR A 268 -2.55 -18.76 -1.13
CA THR A 268 -3.97 -18.70 -1.54
C THR A 268 -4.20 -17.54 -2.54
N ARG A 269 -3.68 -16.36 -2.20
CA ARG A 269 -3.80 -15.17 -3.08
C ARG A 269 -3.01 -15.34 -4.40
N THR A 270 -1.83 -15.94 -4.34
CA THR A 270 -1.08 -16.14 -5.60
C THR A 270 -1.78 -17.18 -6.49
N LEU A 271 -2.32 -18.24 -5.89
CA LEU A 271 -3.13 -19.16 -6.69
C LEU A 271 -4.35 -18.48 -7.38
N ARG A 272 -5.03 -17.55 -6.72
CA ARG A 272 -6.10 -16.75 -7.40
C ARG A 272 -5.59 -15.96 -8.58
N VAL A 273 -4.42 -15.33 -8.38
CA VAL A 273 -3.81 -14.63 -9.51
C VAL A 273 -3.44 -15.59 -10.65
N ALA A 274 -2.85 -16.71 -10.36
CA ALA A 274 -2.43 -17.66 -11.33
C ALA A 274 -3.67 -18.17 -12.13
N GLU A 275 -4.74 -18.42 -11.44
CA GLU A 275 -5.98 -18.82 -12.07
C GLU A 275 -6.60 -17.74 -12.99
N MET A 276 -6.57 -16.48 -12.57
CA MET A 276 -7.00 -15.36 -13.42
C MET A 276 -6.17 -15.35 -14.69
N ALA A 277 -4.88 -15.51 -14.55
CA ALA A 277 -3.96 -15.61 -15.70
C ALA A 277 -4.26 -16.81 -16.61
N HIS A 278 -4.47 -17.97 -16.00
CA HIS A 278 -4.81 -19.18 -16.77
C HIS A 278 -6.05 -18.98 -17.66
N LYS A 279 -7.13 -18.47 -17.06
CA LYS A 279 -8.35 -18.05 -17.82
C LYS A 279 -8.13 -17.07 -19.00
N ALA A 280 -7.09 -16.22 -18.91
CA ALA A 280 -6.79 -15.26 -19.96
C ALA A 280 -5.72 -15.84 -20.85
N GLY A 281 -5.37 -17.11 -20.63
CA GLY A 281 -4.33 -17.75 -21.41
C GLY A 281 -2.90 -17.26 -21.18
N LEU A 282 -2.59 -16.72 -19.98
CA LEU A 282 -1.25 -16.19 -19.66
C LEU A 282 -0.48 -17.17 -18.75
N PRO A 283 0.80 -17.43 -19.06
CA PRO A 283 1.58 -18.22 -18.09
C PRO A 283 1.89 -17.41 -16.85
N CYS A 284 2.23 -18.11 -15.78
CA CYS A 284 2.58 -17.48 -14.52
C CYS A 284 4.00 -17.95 -14.20
N THR A 285 4.94 -16.99 -14.19
CA THR A 285 6.36 -17.24 -13.85
C THR A 285 6.71 -16.38 -12.65
N PRO A 286 6.52 -16.89 -11.41
CA PRO A 286 6.61 -15.98 -10.25
C PRO A 286 7.98 -15.38 -10.04
N HIS A 287 7.98 -14.21 -9.38
CA HIS A 287 9.20 -13.54 -8.98
C HIS A 287 9.76 -14.19 -7.67
N ALA A 288 11.04 -14.53 -7.64
CA ALA A 288 11.68 -15.04 -6.41
C ALA A 288 13.12 -14.54 -6.46
N ALA A 289 13.48 -13.51 -5.67
CA ALA A 289 14.79 -12.83 -5.94
C ALA A 289 15.90 -13.07 -4.92
N ASN A 290 15.65 -13.95 -3.94
CA ASN A 290 16.65 -14.31 -2.95
C ASN A 290 16.36 -15.68 -2.43
N LEU A 291 17.34 -16.23 -1.72
CA LEU A 291 17.18 -17.56 -1.15
C LEU A 291 16.66 -17.58 0.32
N SER A 292 15.79 -16.65 0.66
CA SER A 292 14.92 -16.89 1.83
C SER A 292 13.89 -17.97 1.39
N MET A 293 12.81 -18.16 2.14
CA MET A 293 11.83 -19.20 1.77
C MET A 293 11.05 -18.86 0.48
N VAL A 294 11.10 -17.61 0.01
CA VAL A 294 10.30 -17.24 -1.19
C VAL A 294 10.59 -18.13 -2.40
N THR A 295 11.84 -18.56 -2.58
CA THR A 295 12.21 -19.41 -3.73
C THR A 295 11.56 -20.81 -3.58
N LEU A 296 11.61 -21.36 -2.37
CA LEU A 296 10.96 -22.65 -2.09
C LEU A 296 9.42 -22.59 -2.21
N PHE A 297 8.78 -21.49 -1.76
CA PHE A 297 7.33 -21.34 -2.01
C PHE A 297 7.04 -21.42 -3.52
N THR A 298 7.89 -20.79 -4.31
CA THR A 298 7.70 -20.68 -5.77
C THR A 298 7.91 -22.05 -6.39
N MET A 299 8.88 -22.81 -5.87
CA MET A 299 9.13 -24.16 -6.35
C MET A 299 7.87 -25.02 -6.19
N HIS A 300 7.24 -24.96 -5.03
CA HIS A 300 6.02 -25.76 -4.85
C HIS A 300 4.90 -25.28 -5.77
N LEU A 301 4.76 -23.95 -5.92
CA LEU A 301 3.66 -23.43 -6.76
C LEU A 301 3.85 -23.90 -8.22
N LEU A 302 5.10 -23.87 -8.70
CA LEU A 302 5.39 -24.24 -10.09
C LEU A 302 5.28 -25.76 -10.35
N ARG A 303 5.36 -26.58 -9.28
CA ARG A 303 5.09 -28.00 -9.39
C ARG A 303 3.57 -28.29 -9.49
N ALA A 304 2.71 -27.29 -9.28
CA ALA A 304 1.26 -27.55 -9.10
C ALA A 304 0.42 -26.83 -10.15
N ILE A 305 0.81 -25.58 -10.50
CA ILE A 305 -0.10 -24.67 -11.27
C ILE A 305 -0.19 -25.14 -12.78
N PRO A 306 -1.40 -25.18 -13.40
CA PRO A 306 -1.52 -25.70 -14.76
C PRO A 306 -0.89 -24.76 -15.79
N ASN A 307 -0.76 -23.47 -15.49
CA ASN A 307 -0.17 -22.55 -16.44
C ASN A 307 1.21 -22.09 -15.98
N ALA A 308 1.99 -22.98 -15.34
CA ALA A 308 3.35 -22.68 -14.90
C ALA A 308 4.12 -22.16 -16.08
N GLY A 309 4.94 -21.12 -15.86
CA GLY A 309 5.79 -20.61 -16.94
C GLY A 309 7.00 -21.53 -17.13
N LYS A 310 8.06 -21.02 -17.76
CA LYS A 310 9.13 -21.88 -18.23
C LYS A 310 10.12 -22.31 -17.15
N TYR A 311 10.22 -21.57 -16.07
CA TYR A 311 11.36 -21.76 -15.15
C TYR A 311 11.17 -21.01 -13.88
N LEU A 312 11.86 -21.48 -12.87
CA LEU A 312 11.92 -20.86 -11.55
C LEU A 312 13.03 -19.81 -11.50
N GLU A 313 12.72 -18.59 -11.02
CA GLU A 313 13.77 -17.54 -10.85
C GLU A 313 14.67 -17.96 -9.70
N PHE A 314 15.99 -18.07 -9.92
CA PHE A 314 16.90 -18.55 -8.90
C PHE A 314 18.05 -17.60 -8.77
N SER A 315 18.05 -16.83 -7.67
CA SER A 315 19.15 -15.85 -7.44
C SER A 315 20.52 -16.48 -7.42
N ILE A 316 21.45 -15.96 -8.22
CA ILE A 316 22.80 -16.54 -8.20
C ILE A 316 23.79 -15.61 -7.44
N GLU A 317 23.25 -14.60 -6.74
CA GLU A 317 24.10 -13.64 -5.99
C GLU A 317 24.68 -14.36 -4.77
N GLY A 318 25.88 -13.99 -4.37
CA GLY A 318 26.43 -14.51 -3.11
C GLY A 318 26.36 -13.57 -1.91
N GLU A 319 27.25 -13.85 -0.95
CA GLU A 319 27.40 -13.19 0.33
C GLU A 319 27.61 -11.66 0.25
N ASP A 320 28.28 -11.18 -0.79
CA ASP A 320 28.50 -9.75 -0.98
C ASP A 320 27.20 -9.00 -1.24
N TYR A 321 26.21 -9.65 -1.79
CA TYR A 321 25.02 -8.98 -2.14
C TYR A 321 23.92 -9.32 -1.11
N TYR A 322 23.81 -10.61 -0.72
CA TYR A 322 22.76 -11.04 0.25
C TYR A 322 23.43 -11.73 1.45
N PRO A 323 24.12 -10.94 2.30
CA PRO A 323 24.82 -11.61 3.41
C PRO A 323 23.80 -12.30 4.41
N TRP A 324 22.63 -11.72 4.48
CA TRP A 324 21.55 -12.14 5.34
C TRP A 324 20.87 -13.46 5.03
N GLN A 325 21.08 -14.03 3.84
CA GLN A 325 20.50 -15.31 3.48
C GLN A 325 21.26 -16.59 3.83
N ASP A 326 22.48 -16.45 4.25
CA ASP A 326 23.30 -17.57 4.66
C ASP A 326 22.79 -18.18 6.01
N ASP A 327 22.83 -19.49 6.16
CA ASP A 327 22.45 -20.18 7.41
C ASP A 327 21.02 -19.95 7.86
N LEU A 328 20.10 -19.67 6.95
CA LEU A 328 18.73 -19.60 7.34
C LEU A 328 18.19 -20.98 7.73
N PHE A 329 18.64 -22.02 7.06
CA PHE A 329 17.94 -23.30 7.18
C PHE A 329 18.90 -24.36 7.72
N VAL A 330 18.41 -25.35 8.46
CA VAL A 330 19.22 -26.49 8.88
C VAL A 330 19.84 -27.20 7.65
N ALA A 331 19.01 -27.44 6.61
CA ALA A 331 19.47 -28.14 5.38
C ALA A 331 18.93 -27.27 4.24
N SER A 332 19.80 -26.78 3.37
CA SER A 332 19.38 -25.83 2.34
C SER A 332 18.49 -26.62 1.35
N PRO A 333 17.37 -26.08 0.96
CA PRO A 333 16.57 -26.79 -0.04
C PRO A 333 16.99 -26.43 -1.46
N TYR A 334 18.06 -25.67 -1.59
CA TYR A 334 18.43 -25.02 -2.81
C TYR A 334 19.50 -25.63 -3.76
N GLU A 335 19.86 -26.89 -3.57
CA GLU A 335 20.81 -27.56 -4.46
C GLU A 335 20.30 -27.57 -5.92
N ILE A 336 21.18 -27.27 -6.87
CA ILE A 336 20.86 -27.26 -8.24
C ILE A 336 21.62 -28.36 -8.92
N VAL A 337 20.95 -29.21 -9.67
CA VAL A 337 21.64 -30.25 -10.44
C VAL A 337 21.08 -30.18 -11.88
N ASP A 338 21.99 -30.10 -12.87
CA ASP A 338 21.67 -29.97 -14.28
C ASP A 338 20.67 -28.81 -14.47
N GLY A 339 20.89 -27.69 -13.77
CA GLY A 339 20.07 -26.53 -13.95
C GLY A 339 18.67 -26.59 -13.32
N LYS A 340 18.38 -27.62 -12.55
CA LYS A 340 17.07 -27.80 -11.98
C LYS A 340 17.07 -27.76 -10.44
N ALA A 341 16.03 -27.15 -9.84
CA ALA A 341 15.75 -27.25 -8.37
C ALA A 341 14.82 -28.47 -8.11
N THR A 342 14.76 -28.97 -6.86
CA THR A 342 13.98 -30.17 -6.52
C THR A 342 13.05 -29.94 -5.33
N VAL A 343 11.76 -30.20 -5.53
CA VAL A 343 10.83 -30.23 -4.44
C VAL A 343 10.79 -31.69 -4.01
N THR A 344 11.10 -31.98 -2.73
CA THR A 344 11.12 -33.36 -2.23
C THR A 344 9.73 -33.76 -1.69
N ASP A 345 9.58 -35.00 -1.23
CA ASP A 345 8.30 -35.48 -0.68
C ASP A 345 8.18 -35.15 0.86
N LEU A 346 9.06 -34.31 1.40
CA LEU A 346 8.94 -33.97 2.83
C LEU A 346 7.65 -33.16 3.16
N PRO A 347 7.00 -33.41 4.28
CA PRO A 347 5.73 -32.70 4.59
C PRO A 347 5.82 -31.19 4.68
N GLY A 348 4.78 -30.47 4.24
CA GLY A 348 4.78 -29.05 4.39
C GLY A 348 5.79 -28.40 3.46
N TRP A 349 6.50 -27.37 3.93
CA TRP A 349 7.60 -26.81 3.11
C TRP A 349 8.87 -27.65 3.04
N GLY A 350 9.01 -28.62 3.93
CA GLY A 350 10.14 -29.55 3.92
C GLY A 350 11.47 -28.94 4.38
N VAL A 351 11.41 -27.86 5.17
CA VAL A 351 12.66 -27.28 5.68
C VAL A 351 12.51 -27.01 7.17
N GLU A 352 13.62 -26.79 7.84
CA GLU A 352 13.56 -26.34 9.22
C GLU A 352 14.47 -25.05 9.33
N VAL A 353 13.96 -24.01 9.98
CA VAL A 353 14.76 -22.84 10.26
C VAL A 353 15.91 -23.16 11.20
N SER A 354 17.11 -22.67 10.88
CA SER A 354 18.27 -22.92 11.69
C SER A 354 18.15 -22.41 13.17
N PRO A 355 18.40 -23.30 14.17
CA PRO A 355 18.33 -22.85 15.59
C PRO A 355 19.35 -21.73 15.91
N THR A 356 20.49 -21.76 15.23
CA THR A 356 21.52 -20.74 15.29
C THR A 356 21.02 -19.37 14.78
N TRP A 357 20.21 -19.38 13.74
CA TRP A 357 19.59 -18.14 13.33
C TRP A 357 18.51 -17.75 14.36
N LEU A 358 17.70 -18.66 14.81
CA LEU A 358 16.64 -18.30 15.72
C LEU A 358 17.12 -17.69 17.04
N GLU A 359 18.32 -18.07 17.43
CA GLU A 359 18.64 -17.73 18.78
C GLU A 359 18.95 -16.27 18.98
N THR A 360 19.37 -15.66 17.87
CA THR A 360 19.65 -14.25 17.85
C THR A 360 18.49 -13.40 17.32
N SER A 361 17.40 -14.03 16.94
CA SER A 361 16.20 -13.29 16.38
C SER A 361 15.45 -12.48 17.43
N ALA A 362 14.67 -11.49 16.98
CA ALA A 362 13.80 -10.77 17.89
C ALA A 362 12.47 -11.53 17.84
N HIS A 363 12.00 -11.94 18.99
CA HIS A 363 10.80 -12.79 19.04
C HIS A 363 9.63 -11.96 19.54
N GLN A 364 8.46 -12.23 18.99
CA GLN A 364 7.24 -11.60 19.54
C GLN A 364 6.14 -12.66 19.43
N ILE A 365 5.22 -12.66 20.39
CA ILE A 365 4.08 -13.62 20.41
C ILE A 365 2.73 -12.97 20.65
N SER A 366 1.71 -13.41 19.91
CA SER A 366 0.31 -13.07 20.18
C SER A 366 -0.39 -14.38 20.49
N THR A 367 -1.15 -14.38 21.58
CA THR A 367 -1.79 -15.61 22.07
C THR A 367 -3.31 -15.37 22.22
N TRP A 368 -4.07 -16.39 21.81
CA TRP A 368 -5.52 -16.36 21.94
C TRP A 368 -5.89 -16.29 23.41
N GLN A 369 -6.68 -15.29 23.77
CA GLN A 369 -7.16 -15.12 25.12
C GLN A 369 -8.59 -15.67 25.29
N GLN B 1 24.44 28.70 -0.72
CA GLN B 1 23.86 27.44 -0.13
C GLN B 1 22.36 27.60 0.23
N SER B 2 21.48 26.84 -0.40
CA SER B 2 20.07 26.88 -0.02
C SER B 2 19.97 26.17 1.37
N MET B 3 18.89 26.40 2.11
CA MET B 3 18.67 25.71 3.41
C MET B 3 18.50 24.22 3.17
N LYS B 4 19.21 23.42 3.95
CA LYS B 4 19.16 21.96 3.82
C LYS B 4 18.42 21.41 5.08
N ILE B 5 17.83 20.26 4.89
CA ILE B 5 17.16 19.50 5.99
C ILE B 5 18.27 18.87 6.83
N ALA B 6 18.42 19.32 8.07
CA ALA B 6 19.48 18.80 8.94
C ALA B 6 18.97 17.69 9.87
N ASP B 7 17.75 17.82 10.43
CA ASP B 7 17.18 16.84 11.36
C ASP B 7 15.69 16.57 11.07
N ILE B 8 15.24 15.34 11.26
CA ILE B 8 13.82 15.02 11.15
C ILE B 8 13.51 14.25 12.44
N GLU B 9 12.53 14.73 13.18
CA GLU B 9 12.19 14.16 14.48
C GLU B 9 10.74 13.75 14.48
N THR B 10 10.44 12.69 15.20
CA THR B 10 9.06 12.28 15.40
C THR B 10 8.75 12.21 16.88
N PHE B 11 7.50 12.50 17.22
CA PHE B 11 6.95 12.45 18.61
C PHE B 11 5.62 11.68 18.53
N ALA B 12 5.60 10.46 19.03
CA ALA B 12 4.51 9.56 18.81
C ALA B 12 3.95 8.80 20.03
N ASN B 13 2.72 8.41 19.88
CA ASN B 13 2.00 7.44 20.66
C ASN B 13 1.29 6.54 19.61
N GLU B 14 0.52 5.58 20.06
CA GLU B 14 -0.10 4.62 19.18
C GLU B 14 -1.02 5.28 18.17
N PHE B 15 -1.54 6.42 18.56
CA PHE B 15 -2.57 7.16 17.79
C PHE B 15 -2.08 8.27 16.90
N VAL B 16 -1.16 9.09 17.40
CA VAL B 16 -0.76 10.28 16.69
C VAL B 16 0.75 10.38 16.72
N CYS B 17 1.30 10.80 15.59
CA CYS B 17 2.74 11.09 15.52
C CYS B 17 2.97 12.46 14.85
N PHE B 18 3.59 13.41 15.58
CA PHE B 18 3.99 14.68 15.00
C PHE B 18 5.40 14.57 14.43
N VAL B 19 5.65 15.39 13.41
CA VAL B 19 6.93 15.43 12.73
C VAL B 19 7.49 16.87 12.86
N LYS B 20 8.75 16.94 13.27
CA LYS B 20 9.42 18.22 13.37
C LYS B 20 10.64 18.22 12.46
N VAL B 21 10.72 19.19 11.53
CA VAL B 21 11.91 19.28 10.65
C VAL B 21 12.74 20.48 11.04
N THR B 22 14.06 20.34 11.05
CA THR B 22 14.91 21.50 11.37
C THR B 22 15.96 21.62 10.25
N THR B 23 16.20 22.84 9.76
CA THR B 23 17.19 23.05 8.72
C THR B 23 18.59 23.20 9.33
N ASP B 24 19.58 23.24 8.46
CA ASP B 24 20.96 23.43 8.89
C ASP B 24 21.21 24.84 9.48
N SER B 25 20.28 25.78 9.27
CA SER B 25 20.38 27.08 9.94
C SER B 25 19.46 27.25 11.14
N GLY B 26 18.81 26.16 11.55
CA GLY B 26 17.98 26.17 12.77
C GLY B 26 16.47 26.45 12.64
N GLU B 27 15.96 26.76 11.42
CA GLU B 27 14.51 27.05 11.26
C GLU B 27 13.76 25.74 11.30
N THR B 28 12.52 25.75 11.76
CA THR B 28 11.80 24.49 12.04
C THR B 28 10.37 24.57 11.44
N GLY B 29 9.77 23.41 11.21
CA GLY B 29 8.36 23.40 10.98
C GLY B 29 7.82 22.06 11.51
N TRP B 30 6.53 22.04 11.82
CA TRP B 30 5.87 20.90 12.46
C TRP B 30 4.77 20.43 11.57
N GLY B 31 4.66 19.12 11.41
CA GLY B 31 3.56 18.53 10.70
C GLY B 31 3.05 17.31 11.45
N GLN B 32 2.29 16.45 10.75
CA GLN B 32 1.78 15.23 11.38
C GLN B 32 1.53 14.16 10.29
N VAL B 33 1.82 12.91 10.64
CA VAL B 33 1.40 11.79 9.78
C VAL B 33 -0.09 11.42 10.10
N ALA B 34 -0.70 10.62 9.22
CA ALA B 34 -2.02 10.03 9.49
C ALA B 34 -2.06 9.43 10.93
N PRO B 35 -3.16 9.60 11.59
CA PRO B 35 -3.39 8.93 12.87
C PRO B 35 -3.54 7.38 12.67
N TYR B 36 -3.41 6.63 13.76
CA TYR B 36 -3.65 5.22 13.85
C TYR B 36 -2.34 4.41 13.54
N TYR B 37 -1.92 3.53 14.44
CA TYR B 37 -0.67 2.78 14.31
C TYR B 37 0.49 3.75 14.02
N ALA B 38 0.35 4.91 14.58
CA ALA B 38 1.22 6.05 14.32
C ALA B 38 2.68 5.74 14.73
N ASP B 39 2.81 4.92 15.74
CA ASP B 39 4.08 4.46 16.26
C ASP B 39 4.83 3.61 15.22
N ILE B 40 4.11 2.81 14.47
CA ILE B 40 4.63 2.13 13.30
C ILE B 40 4.94 3.08 12.11
N THR B 41 4.01 3.94 11.78
CA THR B 41 4.31 5.01 10.83
C THR B 41 5.61 5.75 11.12
N ALA B 42 5.83 6.07 12.40
CA ALA B 42 7.07 6.78 12.81
C ALA B 42 8.33 6.00 12.37
N GLN B 43 8.35 4.70 12.59
CA GLN B 43 9.46 3.89 12.17
C GLN B 43 9.63 3.90 10.62
N VAL B 44 8.55 3.85 9.90
CA VAL B 44 8.61 3.84 8.49
C VAL B 44 9.25 5.16 8.02
N LEU B 45 8.87 6.25 8.65
CA LEU B 45 9.38 7.54 8.28
C LEU B 45 10.91 7.61 8.46
N HIS B 46 11.42 7.21 9.60
CA HIS B 46 12.84 7.23 9.80
C HIS B 46 13.65 6.29 8.88
N ARG B 47 13.19 5.08 8.73
CA ARG B 47 13.73 4.05 7.86
C ARG B 47 13.62 4.18 6.34
N GLN B 48 12.52 4.71 5.90
CA GLN B 48 12.16 4.71 4.50
C GLN B 48 11.89 6.06 3.87
N VAL B 49 11.84 7.09 4.69
CA VAL B 49 11.60 8.41 4.14
C VAL B 49 12.81 9.35 4.42
N ALA B 50 13.14 9.52 5.71
CA ALA B 50 14.27 10.32 6.14
C ALA B 50 15.61 10.09 5.42
N PRO B 51 16.01 8.82 5.13
CA PRO B 51 17.30 8.66 4.43
C PRO B 51 17.36 9.39 3.11
N TYR B 52 16.23 9.67 2.48
CA TYR B 52 16.20 10.30 1.17
C TYR B 52 16.06 11.82 1.26
N ALA B 53 15.75 12.34 2.46
CA ALA B 53 15.48 13.75 2.66
C ALA B 53 16.60 14.49 3.36
N LEU B 54 17.38 13.78 4.19
CA LEU B 54 18.39 14.44 5.00
C LEU B 54 19.44 15.08 4.07
N GLY B 55 19.78 16.36 4.29
CA GLY B 55 20.78 16.95 3.43
C GLY B 55 20.24 17.57 2.13
N LYS B 56 18.94 17.44 1.92
CA LYS B 56 18.29 17.96 0.70
C LYS B 56 17.75 19.36 0.92
N PRO B 57 17.55 20.14 -0.18
CA PRO B 57 17.01 21.50 -0.05
C PRO B 57 15.63 21.42 0.65
N ALA B 58 15.47 22.19 1.72
CA ALA B 58 14.32 22.12 2.62
C ALA B 58 13.10 22.73 1.99
N LEU B 59 13.31 23.66 1.03
CA LEU B 59 12.17 24.31 0.39
C LEU B 59 11.65 23.54 -0.83
N ASP B 60 12.39 22.49 -1.26
CA ASP B 60 11.99 21.76 -2.50
C ASP B 60 11.20 20.50 -2.12
N ILE B 61 9.93 20.71 -1.77
CA ILE B 61 9.03 19.62 -1.39
C ILE B 61 8.68 18.75 -2.62
N ASP B 62 8.56 19.38 -3.79
CA ASP B 62 8.23 18.61 -5.04
C ASP B 62 9.21 17.51 -5.31
N TYR B 63 10.51 17.81 -5.18
CA TYR B 63 11.53 16.79 -5.40
C TYR B 63 11.25 15.56 -4.50
N LEU B 64 11.07 15.83 -3.22
CA LEU B 64 11.03 14.75 -2.22
C LEU B 64 9.81 13.88 -2.43
N VAL B 65 8.69 14.56 -2.62
CA VAL B 65 7.36 13.89 -2.72
C VAL B 65 7.29 13.11 -4.02
N ASP B 66 8.01 13.59 -5.03
CA ASP B 66 8.11 12.91 -6.31
C ASP B 66 9.04 11.68 -6.30
N ILE B 67 10.23 11.83 -5.72
CA ILE B 67 11.27 10.82 -5.75
C ILE B 67 11.08 9.68 -4.70
N ILE B 68 10.59 9.98 -3.51
CA ILE B 68 10.65 8.92 -2.49
C ILE B 68 9.76 7.68 -2.81
N PRO B 69 8.57 7.90 -3.39
CA PRO B 69 7.76 6.74 -3.76
C PRO B 69 8.50 5.82 -4.77
N GLU B 70 9.36 6.37 -5.63
CA GLU B 70 10.23 5.53 -6.51
C GLU B 70 11.41 4.90 -5.82
N LYS B 71 12.04 5.59 -4.90
CA LYS B 71 13.13 5.02 -4.13
C LYS B 71 12.63 3.80 -3.32
N GLU B 72 11.40 3.88 -2.86
CA GLU B 72 10.82 2.84 -2.08
C GLU B 72 9.70 2.10 -2.87
N HIS B 73 9.98 1.83 -4.14
CA HIS B 73 9.05 1.30 -5.08
C HIS B 73 8.53 -0.08 -4.74
N LYS B 74 9.23 -0.79 -3.90
CA LYS B 74 8.81 -2.12 -3.39
C LYS B 74 7.74 -2.00 -2.31
N PHE B 75 7.44 -0.75 -1.92
CA PHE B 75 6.44 -0.46 -0.86
C PHE B 75 5.30 0.44 -1.37
N PRO B 76 4.52 -0.03 -2.33
CA PRO B 76 3.34 0.72 -2.74
C PRO B 76 2.33 0.70 -1.60
N GLY B 77 1.46 1.66 -1.56
CA GLY B 77 0.47 1.72 -0.52
C GLY B 77 0.70 2.51 0.74
N SER B 78 -0.09 2.20 1.75
CA SER B 78 -0.41 3.14 2.75
C SER B 78 0.67 3.67 3.66
N TYR B 79 1.44 2.77 4.23
CA TYR B 79 2.38 3.29 5.29
C TYR B 79 3.43 4.30 4.75
N LEU B 80 3.99 4.07 3.58
CA LEU B 80 4.97 4.98 3.02
C LEU B 80 4.39 6.36 2.79
N ARG B 81 3.20 6.40 2.23
CA ARG B 81 2.48 7.60 1.98
C ARG B 81 2.10 8.34 3.27
N ARG B 82 1.70 7.62 4.28
CA ARG B 82 1.42 8.23 5.58
C ARG B 82 2.71 8.90 6.12
N ALA B 83 3.82 8.19 6.06
CA ALA B 83 5.11 8.79 6.50
C ALA B 83 5.48 9.99 5.69
N LEU B 84 5.31 9.89 4.39
CA LEU B 84 5.65 11.03 3.53
C LEU B 84 4.82 12.28 3.84
N GLY B 85 3.52 12.08 4.16
CA GLY B 85 2.63 13.15 4.49
C GLY B 85 3.11 13.91 5.74
N GLY B 86 3.72 13.23 6.69
CA GLY B 86 4.35 13.91 7.87
C GLY B 86 5.46 14.82 7.46
N LEU B 87 6.35 14.34 6.56
CA LEU B 87 7.44 15.19 6.14
C LEU B 87 6.89 16.40 5.32
N ASP B 88 6.03 16.11 4.35
CA ASP B 88 5.44 17.16 3.53
C ASP B 88 4.74 18.25 4.42
N THR B 89 3.89 17.86 5.36
CA THR B 89 3.18 18.87 6.14
C THR B 89 4.13 19.69 7.02
N ALA B 90 5.16 19.04 7.58
CA ALA B 90 6.19 19.76 8.35
C ALA B 90 6.92 20.76 7.45
N LEU B 91 7.18 20.38 6.19
CA LEU B 91 7.94 21.28 5.27
C LEU B 91 7.10 22.51 4.85
N TRP B 92 5.77 22.31 4.72
CA TRP B 92 4.90 23.43 4.38
C TRP B 92 4.86 24.39 5.56
N ASP B 93 4.80 23.83 6.78
CA ASP B 93 4.85 24.68 8.01
C ASP B 93 6.13 25.49 8.04
N LEU B 94 7.25 24.82 7.72
CA LEU B 94 8.58 25.45 7.78
C LEU B 94 8.55 26.66 6.83
N ARG B 95 8.10 26.43 5.62
CA ARG B 95 7.98 27.55 4.64
C ARG B 95 7.08 28.70 5.11
N GLY B 96 5.90 28.35 5.65
CA GLY B 96 4.98 29.35 6.18
C GLY B 96 5.64 30.22 7.26
N ARG B 97 6.35 29.57 8.17
CA ARG B 97 7.07 30.27 9.23
C ARG B 97 8.16 31.15 8.67
N LEU B 98 8.92 30.64 7.70
CA LEU B 98 9.98 31.47 7.04
C LEU B 98 9.44 32.72 6.36
N GLU B 99 8.32 32.54 5.64
CA GLU B 99 7.74 33.64 4.91
C GLU B 99 6.81 34.49 5.75
N GLY B 100 6.48 34.02 6.93
CA GLY B 100 5.54 34.69 7.81
C GLY B 100 4.11 34.66 7.28
N LYS B 101 3.68 33.58 6.66
CA LYS B 101 2.36 33.51 6.04
C LYS B 101 1.71 32.17 6.39
N PRO B 102 0.37 32.13 6.45
CA PRO B 102 -0.33 30.83 6.71
C PRO B 102 -0.22 29.95 5.48
N VAL B 103 -0.26 28.64 5.65
CA VAL B 103 -0.13 27.76 4.50
C VAL B 103 -1.17 28.09 3.40
N CYS B 104 -2.44 28.37 3.75
CA CYS B 104 -3.46 28.72 2.74
C CYS B 104 -2.97 29.83 1.81
N GLU B 105 -2.19 30.79 2.34
CA GLU B 105 -1.63 31.82 1.47
C GLU B 105 -0.56 31.38 0.50
N LEU B 106 0.27 30.45 0.89
CA LEU B 106 1.34 29.95 0.03
C LEU B 106 0.75 29.18 -1.14
N ILE B 107 -0.45 28.64 -1.00
CA ILE B 107 -0.99 27.72 -2.01
C ILE B 107 -2.12 28.40 -2.77
N GLY B 108 -2.19 29.72 -2.67
CA GLY B 108 -3.15 30.53 -3.42
C GLY B 108 -4.43 30.99 -2.75
N GLY B 109 -4.66 30.71 -1.48
CA GLY B 109 -5.85 31.24 -0.81
C GLY B 109 -5.51 32.40 0.14
N THR B 110 -6.44 32.68 1.05
CA THR B 110 -6.34 33.73 2.04
C THR B 110 -7.03 33.13 3.32
N PRO B 111 -6.65 33.64 4.52
CA PRO B 111 -7.34 33.18 5.75
C PRO B 111 -8.80 33.60 5.72
N GLY B 112 -9.65 32.85 6.41
CA GLY B 112 -11.02 33.27 6.57
C GLY B 112 -11.80 32.06 7.06
N THR B 113 -13.10 32.09 6.82
CA THR B 113 -13.95 31.02 7.32
C THR B 113 -14.26 29.91 6.31
N VAL B 114 -14.67 28.76 6.82
CA VAL B 114 -15.08 27.63 5.97
C VAL B 114 -16.36 27.03 6.60
N ARG B 115 -17.38 26.82 5.77
CA ARG B 115 -18.62 26.14 6.20
C ARG B 115 -18.21 24.74 6.67
N ALA B 116 -18.71 24.31 7.83
CA ALA B 116 -18.39 22.95 8.31
C ALA B 116 -19.65 22.09 8.30
N TYR B 117 -19.46 20.79 8.08
CA TYR B 117 -20.57 19.90 8.35
C TYR B 117 -20.20 19.04 9.56
N GLY B 118 -21.13 18.87 10.50
CA GLY B 118 -20.88 18.03 11.67
C GLY B 118 -20.90 16.58 11.24
N SER B 119 -19.79 15.86 11.43
CA SER B 119 -19.68 14.50 10.90
C SER B 119 -19.78 13.44 12.03
N SER B 120 -20.80 12.56 11.97
CA SER B 120 -21.01 11.56 13.03
C SER B 120 -20.21 10.31 12.64
N MET B 121 -19.41 9.70 13.53
CA MET B 121 -18.65 8.50 13.12
C MET B 121 -19.32 7.18 13.58
N LYS B 122 -20.35 7.27 14.42
CA LYS B 122 -20.95 6.12 15.09
C LYS B 122 -21.98 5.39 14.26
N ARG B 123 -21.93 4.06 14.25
CA ARG B 123 -23.05 3.26 13.73
C ARG B 123 -23.79 2.64 14.91
N ASP B 124 -23.17 2.75 16.06
CA ASP B 124 -23.74 2.31 17.34
C ASP B 124 -24.94 3.00 17.92
N ILE B 125 -25.19 4.22 17.47
CA ILE B 125 -26.13 5.09 18.09
C ILE B 125 -27.43 4.83 17.35
N THR B 126 -28.52 4.83 18.10
CA THR B 126 -29.85 4.68 17.50
C THR B 126 -30.21 5.95 16.65
N PRO B 127 -31.10 5.80 15.64
CA PRO B 127 -31.65 6.93 14.88
C PRO B 127 -32.16 8.09 15.75
N LYS B 128 -32.92 7.76 16.79
CA LYS B 128 -33.46 8.80 17.68
C LYS B 128 -32.38 9.56 18.47
N ASP B 129 -31.37 8.84 18.98
CA ASP B 129 -30.22 9.44 19.61
C ASP B 129 -29.42 10.29 18.67
N GLU B 130 -29.26 9.86 17.41
CA GLU B 130 -28.46 10.62 16.48
C GLU B 130 -29.23 11.93 16.14
N ALA B 131 -30.54 11.83 15.93
CA ALA B 131 -31.33 13.05 15.68
C ALA B 131 -31.22 14.01 16.86
N ALA B 132 -31.28 13.51 18.07
CA ALA B 132 -31.18 14.33 19.25
C ALA B 132 -29.83 15.05 19.34
N ARG B 133 -28.78 14.28 19.15
CA ARG B 133 -27.45 14.75 19.27
C ARG B 133 -27.13 15.80 18.21
N LEU B 134 -27.49 15.57 16.98
CA LEU B 134 -27.24 16.51 15.94
C LEU B 134 -28.04 17.81 16.13
N SER B 135 -29.27 17.69 16.58
CA SER B 135 -30.09 18.85 16.86
C SER B 135 -29.45 19.74 17.90
N ARG B 136 -28.88 19.14 18.91
CA ARG B 136 -28.32 19.89 20.03
C ARG B 136 -27.04 20.61 19.50
N LEU B 137 -26.26 19.91 18.68
CA LEU B 137 -25.09 20.50 18.02
C LEU B 137 -25.43 21.71 17.13
N ARG B 138 -26.52 21.58 16.36
CA ARG B 138 -27.02 22.63 15.51
C ARG B 138 -27.36 23.84 16.38
N ASP B 139 -28.08 23.64 17.47
CA ASP B 139 -28.41 24.74 18.37
C ASP B 139 -27.20 25.42 19.01
N ARG B 140 -26.24 24.63 19.46
CA ARG B 140 -25.10 25.11 20.22
C ARG B 140 -24.06 25.79 19.30
N PHE B 141 -23.80 25.24 18.11
CA PHE B 141 -22.66 25.73 17.27
C PHE B 141 -23.07 26.31 15.89
N GLY B 142 -24.30 26.05 15.46
CA GLY B 142 -24.87 26.64 14.28
C GLY B 142 -24.58 25.86 13.01
N PHE B 143 -24.20 24.58 13.13
CA PHE B 143 -24.01 23.77 11.94
C PHE B 143 -25.26 23.79 11.06
N ASP B 144 -25.05 23.86 9.75
CA ASP B 144 -26.17 23.79 8.82
C ASP B 144 -25.96 22.68 7.76
N ALA B 145 -25.18 21.67 8.14
CA ALA B 145 -24.97 20.44 7.36
C ALA B 145 -24.48 19.35 8.36
N PHE B 146 -24.86 18.11 8.15
CA PHE B 146 -24.42 17.00 9.02
C PHE B 146 -24.25 15.79 8.19
N LYS B 147 -23.31 14.96 8.57
CA LYS B 147 -23.15 13.64 7.95
C LYS B 147 -23.38 12.49 8.94
N PHE B 148 -24.19 11.47 8.57
CA PHE B 148 -24.36 10.32 9.51
C PHE B 148 -24.10 9.05 8.73
N ARG B 149 -24.03 7.93 9.43
CA ARG B 149 -23.60 6.67 8.83
C ARG B 149 -24.77 5.84 8.43
N ILE B 150 -24.65 5.13 7.30
CA ILE B 150 -25.69 4.12 6.94
C ILE B 150 -25.02 2.80 6.61
N GLY B 151 -25.80 1.73 6.46
CA GLY B 151 -25.19 0.43 6.26
C GLY B 151 -24.24 0.03 7.38
N ALA B 152 -23.29 -0.86 7.07
CA ALA B 152 -22.22 -1.32 8.00
C ALA B 152 -20.89 -1.19 7.21
N GLU B 153 -19.85 -0.70 7.88
CA GLU B 153 -18.53 -0.59 7.30
C GLU B 153 -18.03 -1.91 6.67
N CYS B 154 -17.63 -1.83 5.38
CA CYS B 154 -17.42 -3.01 4.53
C CYS B 154 -18.41 -4.15 4.85
N GLY B 155 -19.70 -3.84 4.98
CA GLY B 155 -20.62 -4.82 5.52
C GLY B 155 -21.10 -5.83 4.52
N ARG B 156 -20.62 -5.77 3.28
CA ARG B 156 -21.03 -6.73 2.24
C ARG B 156 -22.53 -6.87 2.13
N GLY B 157 -23.18 -5.72 2.13
CA GLY B 157 -24.60 -5.72 1.88
C GLY B 157 -25.45 -5.73 3.15
N GLN B 158 -24.84 -6.02 4.32
CA GLN B 158 -25.61 -6.16 5.59
C GLN B 158 -25.63 -4.82 6.37
N ASP B 159 -26.73 -4.49 7.01
CA ASP B 159 -26.82 -3.23 7.77
C ASP B 159 -26.19 -3.41 9.17
N GLU B 160 -25.99 -2.33 9.91
CA GLU B 160 -25.49 -2.46 11.27
C GLU B 160 -26.42 -3.33 12.12
N TRP B 161 -27.71 -3.06 12.01
CA TRP B 161 -28.78 -3.96 12.49
C TRP B 161 -29.95 -3.83 11.58
N PRO B 162 -30.89 -4.81 11.63
CA PRO B 162 -31.98 -4.78 10.64
C PRO B 162 -32.73 -3.45 10.70
N GLY B 163 -32.92 -2.81 9.59
CA GLY B 163 -33.71 -1.62 9.52
C GLY B 163 -33.08 -0.34 9.99
N ARG B 164 -31.83 -0.37 10.41
CA ARG B 164 -31.26 0.88 10.90
C ARG B 164 -31.26 1.97 9.80
N THR B 165 -30.86 1.61 8.59
CA THR B 165 -30.77 2.54 7.49
C THR B 165 -32.12 3.12 7.05
N GLU B 166 -33.13 2.28 6.97
CA GLU B 166 -34.46 2.77 6.57
C GLU B 166 -35.05 3.71 7.59
N GLU B 167 -34.71 3.47 8.86
CA GLU B 167 -35.17 4.33 9.96
C GLU B 167 -34.40 5.66 10.03
N ILE B 168 -33.08 5.59 10.01
CA ILE B 168 -32.26 6.74 10.32
C ILE B 168 -32.41 7.89 9.29
N VAL B 169 -32.42 7.54 8.01
CA VAL B 169 -32.52 8.56 6.97
C VAL B 169 -33.77 9.47 7.17
N PRO B 170 -35.00 8.92 7.19
CA PRO B 170 -36.08 9.89 7.40
C PRO B 170 -36.14 10.45 8.84
N THR B 171 -35.62 9.76 9.86
CA THR B 171 -35.61 10.31 11.25
C THR B 171 -34.77 11.58 11.35
N ILE B 172 -33.56 11.54 10.82
CA ILE B 172 -32.76 12.72 10.78
C ILE B 172 -33.38 13.84 9.93
N ARG B 173 -33.91 13.49 8.77
CA ARG B 173 -34.48 14.48 7.87
C ARG B 173 -35.66 15.18 8.57
N ALA B 174 -36.45 14.43 9.30
CA ALA B 174 -37.57 14.97 10.04
C ALA B 174 -37.13 15.93 11.13
N ALA B 175 -36.06 15.63 11.81
CA ALA B 175 -35.55 16.48 12.85
C ALA B 175 -34.91 17.77 12.34
N MET B 176 -34.61 17.84 11.06
CA MET B 176 -33.87 18.97 10.54
C MET B 176 -34.59 19.76 9.45
N ASP B 177 -34.54 21.05 9.58
CA ASP B 177 -35.13 21.94 8.65
C ASP B 177 -34.53 21.93 7.22
N ASP B 178 -35.28 22.29 6.18
CA ASP B 178 -34.70 22.06 4.83
C ASP B 178 -33.52 22.98 4.53
N SER B 179 -33.30 23.97 5.37
CA SER B 179 -32.06 24.71 5.27
C SER B 179 -30.81 23.90 5.72
N VAL B 180 -31.02 22.73 6.31
CA VAL B 180 -29.88 21.88 6.74
C VAL B 180 -29.59 20.82 5.71
N ALA B 181 -28.39 20.82 5.16
CA ALA B 181 -27.93 19.79 4.22
C ALA B 181 -27.60 18.47 4.98
N LEU B 182 -28.02 17.37 4.44
CA LEU B 182 -27.75 16.08 5.01
C LEU B 182 -26.90 15.22 4.07
N LEU B 183 -25.90 14.60 4.64
CA LEU B 183 -24.98 13.75 3.97
C LEU B 183 -25.00 12.39 4.67
N VAL B 184 -24.78 11.33 3.91
CA VAL B 184 -24.59 9.99 4.44
C VAL B 184 -23.30 9.29 3.92
N ASP B 185 -22.83 8.31 4.67
CA ASP B 185 -21.64 7.57 4.26
C ASP B 185 -21.91 6.11 4.53
N ALA B 186 -21.74 5.31 3.50
CA ALA B 186 -21.97 3.87 3.56
C ALA B 186 -20.73 3.00 3.84
N ASN B 187 -19.57 3.63 3.87
CA ASN B 187 -18.34 2.99 4.23
C ASN B 187 -18.10 1.64 3.43
N SER B 188 -18.31 1.69 2.13
CA SER B 188 -18.13 0.52 1.25
C SER B 188 -19.13 -0.65 1.46
N CYS B 189 -20.30 -0.35 1.95
CA CYS B 189 -21.28 -1.39 2.35
C CYS B 189 -21.86 -2.23 1.18
N TYR B 190 -22.25 -1.57 0.09
CA TYR B 190 -23.14 -2.22 -0.90
C TYR B 190 -22.50 -2.64 -2.22
N GLY B 191 -23.03 -3.71 -2.81
CA GLY B 191 -22.82 -3.95 -4.24
C GLY B 191 -23.63 -2.84 -4.99
N PRO B 192 -23.38 -2.66 -6.27
CA PRO B 192 -24.02 -1.59 -7.01
C PRO B 192 -25.56 -1.64 -7.11
N GLU B 193 -26.18 -2.78 -7.29
CA GLU B 193 -27.61 -2.84 -7.37
C GLU B 193 -28.30 -2.40 -6.08
N GLN B 194 -27.84 -2.91 -4.96
CA GLN B 194 -28.33 -2.53 -3.70
C GLN B 194 -28.02 -1.05 -3.44
N ALA B 195 -26.85 -0.62 -3.82
CA ALA B 195 -26.42 0.75 -3.58
C ALA B 195 -27.42 1.69 -4.30
N ILE B 196 -27.84 1.32 -5.50
CA ILE B 196 -28.79 2.16 -6.29
C ILE B 196 -30.16 2.21 -5.61
N GLU B 197 -30.65 1.08 -5.12
CA GLU B 197 -31.92 1.09 -4.41
C GLU B 197 -31.90 1.99 -3.17
N VAL B 198 -30.86 1.80 -2.37
CA VAL B 198 -30.66 2.65 -1.20
C VAL B 198 -30.59 4.14 -1.67
N GLY B 199 -29.86 4.40 -2.75
CA GLY B 199 -29.69 5.81 -3.23
C GLY B 199 -31.03 6.41 -3.66
N LYS B 200 -31.89 5.61 -4.28
CA LYS B 200 -33.23 6.12 -4.61
C LYS B 200 -34.01 6.47 -3.32
N MET B 201 -33.81 5.70 -2.26
CA MET B 201 -34.46 6.05 -0.97
C MET B 201 -33.84 7.34 -0.39
N LEU B 202 -32.54 7.55 -0.53
CA LEU B 202 -31.92 8.79 -0.10
C LEU B 202 -32.54 9.98 -0.85
N GLU B 203 -32.80 9.79 -2.15
CA GLU B 203 -33.37 10.86 -2.99
C GLU B 203 -34.83 11.16 -2.62
N GLN B 204 -35.53 10.24 -1.99
CA GLN B 204 -36.87 10.54 -1.50
C GLN B 204 -36.85 11.36 -0.20
N ASN B 205 -35.69 11.55 0.42
CA ASN B 205 -35.61 12.18 1.78
C ASN B 205 -34.66 13.40 1.82
N GLY B 206 -34.41 14.01 0.66
CA GLY B 206 -33.62 15.26 0.68
C GLY B 206 -32.16 15.14 1.16
N ILE B 207 -31.56 13.94 0.96
CA ILE B 207 -30.12 13.72 1.25
C ILE B 207 -29.33 14.15 0.01
N SER B 208 -28.18 14.81 0.18
CA SER B 208 -27.56 15.53 -0.95
C SER B 208 -26.12 15.02 -1.28
N HIS B 209 -25.63 14.00 -0.55
CA HIS B 209 -24.28 13.51 -0.68
C HIS B 209 -24.28 12.03 -0.23
N TYR B 210 -23.79 11.11 -1.07
CA TYR B 210 -23.85 9.66 -0.86
C TYR B 210 -22.43 9.17 -0.96
N GLU B 211 -21.80 8.93 0.19
CA GLU B 211 -20.36 8.68 0.24
C GLU B 211 -20.04 7.18 0.30
N GLU B 212 -19.10 6.79 -0.53
CA GLU B 212 -18.58 5.42 -0.62
C GLU B 212 -19.65 4.34 -0.56
N PRO B 213 -20.56 4.33 -1.58
CA PRO B 213 -21.67 3.34 -1.58
C PRO B 213 -21.16 1.91 -1.72
N CYS B 214 -20.07 1.72 -2.49
CA CYS B 214 -19.50 0.40 -2.85
C CYS B 214 -18.08 0.22 -2.37
N PRO B 215 -17.56 -1.05 -2.27
CA PRO B 215 -16.13 -1.28 -1.95
C PRO B 215 -15.29 -0.28 -2.73
N TYR B 216 -14.52 0.53 -2.00
CA TYR B 216 -13.89 1.72 -2.59
C TYR B 216 -12.87 1.37 -3.70
N TRP B 217 -12.33 0.17 -3.63
CA TRP B 217 -11.32 -0.31 -4.55
C TRP B 217 -11.96 -0.86 -5.83
N GLU B 218 -13.30 -0.86 -5.92
CA GLU B 218 -13.96 -1.36 -7.12
C GLU B 218 -14.56 -0.14 -7.87
N TYR B 219 -13.76 0.52 -8.68
CA TYR B 219 -14.20 1.75 -9.34
C TYR B 219 -15.44 1.60 -10.25
N GLU B 220 -15.52 0.49 -10.95
CA GLU B 220 -16.64 0.18 -11.80
C GLU B 220 -17.91 0.05 -11.00
N GLN B 221 -17.87 -0.52 -9.83
CA GLN B 221 -19.09 -0.62 -9.05
C GLN B 221 -19.63 0.80 -8.68
N THR B 222 -18.71 1.61 -8.17
CA THR B 222 -19.01 3.02 -7.79
C THR B 222 -19.50 3.81 -9.01
N GLN B 223 -18.82 3.63 -10.14
CA GLN B 223 -19.22 4.33 -11.36
C GLN B 223 -20.68 3.95 -11.79
N GLN B 224 -21.03 2.69 -11.64
CA GLN B 224 -22.40 2.27 -11.97
C GLN B 224 -23.40 3.03 -11.10
N VAL B 225 -23.04 3.30 -9.85
CA VAL B 225 -23.92 4.01 -8.92
C VAL B 225 -24.05 5.50 -9.24
N THR B 226 -22.89 6.11 -9.49
CA THR B 226 -22.85 7.50 -9.94
C THR B 226 -23.69 7.73 -11.18
N ASN B 227 -23.59 6.82 -12.14
CA ASN B 227 -24.32 6.97 -13.37
C ASN B 227 -25.85 6.78 -13.22
N ALA B 228 -26.26 5.86 -12.37
CA ALA B 228 -27.67 5.59 -12.25
C ALA B 228 -28.45 6.64 -11.40
N LEU B 229 -27.77 7.35 -10.52
CA LEU B 229 -28.44 8.24 -9.53
C LEU B 229 -28.35 9.76 -9.87
N SER B 230 -29.20 10.58 -9.24
CA SER B 230 -29.06 12.06 -9.29
C SER B 230 -28.29 12.55 -8.07
N ILE B 231 -28.42 11.87 -6.95
CA ILE B 231 -27.63 12.33 -5.76
C ILE B 231 -26.13 12.27 -6.06
N ASP B 232 -25.35 13.25 -5.57
CA ASP B 232 -23.91 13.21 -5.76
C ASP B 232 -23.34 12.00 -5.02
N VAL B 233 -22.52 11.25 -5.72
CA VAL B 233 -21.84 10.12 -5.16
C VAL B 233 -20.36 10.52 -4.99
N THR B 234 -19.77 10.16 -3.86
CA THR B 234 -18.49 10.79 -3.39
C THR B 234 -17.58 9.70 -2.90
N GLY B 235 -16.27 9.89 -3.02
CA GLY B 235 -15.40 8.86 -2.52
C GLY B 235 -13.96 9.31 -2.63
N GLY B 236 -13.08 8.49 -2.08
CA GLY B 236 -11.66 8.65 -2.33
C GLY B 236 -10.83 8.62 -1.06
N GLU B 237 -11.43 8.57 0.13
CA GLU B 237 -10.59 8.82 1.34
C GLU B 237 -9.42 7.80 1.57
N GLN B 238 -9.61 6.54 1.17
CA GLN B 238 -8.52 5.55 1.31
C GLN B 238 -7.57 5.47 0.11
N ASP B 239 -7.78 6.33 -0.90
CA ASP B 239 -7.01 6.21 -2.13
C ASP B 239 -5.72 6.97 -2.00
N CYS B 240 -4.62 6.25 -1.98
CA CYS B 240 -3.35 6.94 -1.71
C CYS B 240 -2.37 6.98 -2.88
N GLU B 241 -2.77 6.46 -4.03
CA GLU B 241 -1.93 6.35 -5.23
C GLU B 241 -2.39 7.26 -6.35
N LEU B 242 -1.47 8.07 -6.86
CA LEU B 242 -1.86 9.07 -7.82
C LEU B 242 -2.37 8.43 -9.10
N GLN B 243 -1.79 7.29 -9.51
CA GLN B 243 -2.24 6.69 -10.77
C GLN B 243 -3.69 6.17 -10.64
N ASN B 244 -4.05 5.80 -9.40
CA ASN B 244 -5.41 5.38 -9.11
C ASN B 244 -6.37 6.57 -9.18
N TRP B 245 -5.94 7.69 -8.61
CA TRP B 245 -6.75 8.91 -8.73
C TRP B 245 -6.92 9.32 -10.18
N ARG B 246 -5.88 9.25 -10.99
CA ARG B 246 -6.02 9.62 -12.38
C ARG B 246 -7.09 8.73 -13.05
N ARG B 247 -7.04 7.46 -12.80
CA ARG B 247 -8.04 6.54 -13.34
C ARG B 247 -9.49 6.79 -12.84
N MET B 248 -9.66 7.05 -11.56
CA MET B 248 -10.97 7.30 -11.02
C MET B 248 -11.61 8.54 -11.65
N ILE B 249 -10.79 9.56 -11.79
CA ILE B 249 -11.21 10.85 -12.31
C ILE B 249 -11.42 10.70 -13.83
N GLU B 250 -10.50 10.07 -14.58
CA GLU B 250 -10.83 9.77 -16.01
C GLU B 250 -12.16 9.04 -16.21
N MET B 251 -12.51 8.14 -15.30
CA MET B 251 -13.73 7.36 -15.45
C MET B 251 -14.96 8.17 -14.98
N LYS B 252 -14.72 9.33 -14.34
CA LYS B 252 -15.75 10.04 -13.55
C LYS B 252 -16.55 9.06 -12.69
N ALA B 253 -15.81 8.28 -11.89
CA ALA B 253 -16.38 7.25 -11.05
C ALA B 253 -17.22 7.80 -9.94
N VAL B 254 -16.89 9.02 -9.48
CA VAL B 254 -17.66 9.79 -8.51
C VAL B 254 -17.99 11.20 -9.04
N ASP B 255 -18.92 11.90 -8.35
CA ASP B 255 -19.25 13.33 -8.58
C ASP B 255 -18.34 14.29 -7.80
N ILE B 256 -17.82 13.82 -6.69
CA ILE B 256 -17.02 14.66 -5.79
C ILE B 256 -15.86 13.81 -5.31
N VAL B 257 -14.61 14.34 -5.32
CA VAL B 257 -13.44 13.56 -4.87
C VAL B 257 -13.15 13.95 -3.41
N GLN B 258 -12.72 13.00 -2.61
CA GLN B 258 -12.54 13.21 -1.17
C GLN B 258 -11.23 12.60 -0.69
N PRO B 259 -10.12 13.09 -1.22
CA PRO B 259 -8.81 12.54 -0.73
C PRO B 259 -8.66 12.90 0.75
N ASP B 260 -7.86 12.13 1.51
CA ASP B 260 -7.51 12.54 2.86
C ASP B 260 -6.10 13.00 2.78
N ILE B 261 -5.84 14.23 3.20
CA ILE B 261 -4.53 14.80 3.02
C ILE B 261 -3.44 13.91 3.64
N CYS B 262 -3.70 13.34 4.84
CA CYS B 262 -2.63 12.50 5.46
C CYS B 262 -2.49 11.11 4.81
N TYR B 263 -3.59 10.48 4.48
CA TYR B 263 -3.51 9.16 3.84
C TYR B 263 -2.92 9.24 2.44
N LEU B 264 -3.21 10.33 1.76
CA LEU B 264 -2.62 10.50 0.42
C LEU B 264 -1.10 10.85 0.38
N GLY B 265 -0.53 11.40 1.44
CA GLY B 265 0.85 11.72 1.44
C GLY B 265 1.15 13.22 1.42
N GLY B 266 0.21 14.06 1.90
CA GLY B 266 0.52 15.48 2.12
C GLY B 266 -0.15 16.49 1.19
N ILE B 267 0.21 17.74 1.39
CA ILE B 267 -0.44 18.85 0.71
C ILE B 267 -0.09 18.84 -0.75
N THR B 268 1.18 18.67 -1.08
CA THR B 268 1.61 18.67 -2.46
C THR B 268 0.82 17.64 -3.30
N ARG B 269 0.78 16.39 -2.86
CA ARG B 269 0.09 15.37 -3.62
C ARG B 269 -1.44 15.63 -3.60
N THR B 270 -1.97 16.14 -2.50
CA THR B 270 -3.39 16.47 -2.48
C THR B 270 -3.77 17.55 -3.47
N LEU B 271 -2.94 18.61 -3.54
CA LEU B 271 -3.13 19.65 -4.55
C LEU B 271 -3.08 19.07 -5.94
N ARG B 272 -2.24 18.06 -6.20
CA ARG B 272 -2.22 17.47 -7.55
C ARG B 272 -3.53 16.74 -7.82
N VAL B 273 -4.03 16.01 -6.83
CA VAL B 273 -5.34 15.36 -7.00
C VAL B 273 -6.51 16.40 -7.22
N ALA B 274 -6.57 17.45 -6.45
CA ALA B 274 -7.55 18.46 -6.60
C ALA B 274 -7.52 19.12 -8.01
N GLU B 275 -6.34 19.37 -8.54
CA GLU B 275 -6.18 19.89 -9.89
C GLU B 275 -6.67 18.93 -10.97
N MET B 276 -6.40 17.64 -10.81
CA MET B 276 -6.89 16.62 -11.73
C MET B 276 -8.44 16.66 -11.77
N ALA B 277 -9.00 16.72 -10.58
CA ALA B 277 -10.44 16.82 -10.37
C ALA B 277 -10.99 18.11 -11.02
N HIS B 278 -10.31 19.21 -10.78
CA HIS B 278 -10.74 20.56 -11.31
C HIS B 278 -10.73 20.52 -12.82
N LYS B 279 -9.71 19.89 -13.40
CA LYS B 279 -9.69 19.75 -14.84
C LYS B 279 -10.85 18.92 -15.40
N ALA B 280 -11.40 18.01 -14.60
CA ALA B 280 -12.50 17.21 -15.05
C ALA B 280 -13.88 17.79 -14.60
N GLY B 281 -13.88 18.89 -13.86
CA GLY B 281 -15.12 19.52 -13.46
C GLY B 281 -15.62 18.95 -12.12
N LEU B 282 -14.76 18.26 -11.37
CA LEU B 282 -15.24 17.66 -10.09
C LEU B 282 -14.79 18.47 -8.87
N PRO B 283 -15.71 18.82 -7.96
CA PRO B 283 -15.31 19.45 -6.71
C PRO B 283 -14.47 18.49 -5.84
N CYS B 284 -13.69 19.08 -4.96
CA CYS B 284 -12.85 18.33 -4.01
C CYS B 284 -13.32 18.68 -2.60
N THR B 285 -13.89 17.69 -1.92
CA THR B 285 -14.35 17.83 -0.52
C THR B 285 -13.58 16.84 0.38
N PRO B 286 -12.43 17.28 0.94
CA PRO B 286 -11.52 16.27 1.52
C PRO B 286 -12.10 15.61 2.75
N HIS B 287 -11.63 14.39 3.03
CA HIS B 287 -12.00 13.63 4.21
C HIS B 287 -11.14 14.08 5.42
N ALA B 288 -11.77 14.29 6.57
CA ALA B 288 -11.02 14.75 7.77
C ALA B 288 -11.90 14.23 8.91
N ALA B 289 -11.51 13.11 9.49
CA ALA B 289 -12.42 12.42 10.39
C ALA B 289 -12.15 12.56 11.88
N ASN B 290 -11.14 13.36 12.26
CA ASN B 290 -10.86 13.57 13.69
C ASN B 290 -10.17 14.91 13.87
N LEU B 291 -9.96 15.32 15.11
CA LEU B 291 -9.48 16.63 15.40
C LEU B 291 -7.98 16.58 15.72
N SER B 292 -7.24 15.69 15.06
CA SER B 292 -5.78 15.83 15.02
C SER B 292 -5.55 16.96 14.01
N MET B 293 -4.33 17.19 13.57
CA MET B 293 -4.10 18.22 12.54
C MET B 293 -4.75 18.03 11.18
N VAL B 294 -5.25 16.82 10.89
CA VAL B 294 -5.87 16.54 9.56
C VAL B 294 -7.00 17.56 9.20
N THR B 295 -7.84 17.87 10.18
CA THR B 295 -8.87 18.88 9.95
C THR B 295 -8.31 20.27 9.58
N LEU B 296 -7.29 20.71 10.33
CA LEU B 296 -6.70 22.03 10.09
C LEU B 296 -5.96 22.02 8.70
N PHE B 297 -5.33 20.93 8.31
CA PHE B 297 -4.73 20.89 6.95
C PHE B 297 -5.80 21.12 5.92
N THR B 298 -6.93 20.49 6.14
CA THR B 298 -8.03 20.53 5.20
C THR B 298 -8.65 21.96 5.15
N MET B 299 -8.75 22.62 6.33
CA MET B 299 -9.24 23.98 6.41
C MET B 299 -8.37 24.86 5.46
N HIS B 300 -7.06 24.74 5.53
CA HIS B 300 -6.17 25.58 4.69
C HIS B 300 -6.41 25.29 3.19
N LEU B 301 -6.52 23.98 2.87
CA LEU B 301 -6.70 23.57 1.47
C LEU B 301 -8.00 24.16 0.92
N LEU B 302 -9.08 24.11 1.70
CA LEU B 302 -10.41 24.57 1.22
C LEU B 302 -10.47 26.08 1.08
N ARG B 303 -9.60 26.79 1.80
CA ARG B 303 -9.44 28.25 1.63
C ARG B 303 -8.73 28.63 0.31
N ALA B 304 -8.03 27.66 -0.26
CA ALA B 304 -7.18 27.86 -1.43
C ALA B 304 -7.61 27.32 -2.81
N ILE B 305 -8.05 26.09 -2.85
CA ILE B 305 -8.32 25.44 -4.12
C ILE B 305 -9.52 26.05 -4.90
N PRO B 306 -9.40 26.21 -6.21
CA PRO B 306 -10.49 26.73 -7.03
C PRO B 306 -11.73 25.83 -7.04
N ASN B 307 -11.60 24.53 -6.90
CA ASN B 307 -12.76 23.63 -6.95
C ASN B 307 -13.09 23.05 -5.56
N ALA B 308 -12.98 23.90 -4.55
CA ALA B 308 -13.31 23.49 -3.16
C ALA B 308 -14.81 23.09 -3.13
N GLY B 309 -15.12 22.00 -2.43
CA GLY B 309 -16.49 21.56 -2.30
C GLY B 309 -17.19 22.39 -1.27
N LYS B 310 -18.34 21.92 -0.81
CA LYS B 310 -19.26 22.83 -0.10
C LYS B 310 -18.90 23.10 1.34
N TYR B 311 -18.09 22.23 1.95
CA TYR B 311 -17.91 22.36 3.43
C TYR B 311 -16.73 21.49 3.88
N LEU B 312 -16.26 21.79 5.08
CA LEU B 312 -15.21 21.02 5.73
C LEU B 312 -15.84 19.89 6.57
N GLU B 313 -15.36 18.65 6.42
CA GLU B 313 -15.79 17.59 7.34
C GLU B 313 -15.25 17.89 8.77
N PHE B 314 -16.12 17.88 9.77
CA PHE B 314 -15.73 18.26 11.11
C PHE B 314 -16.31 17.26 12.08
N SER B 315 -15.46 16.39 12.62
CA SER B 315 -15.90 15.33 13.51
C SER B 315 -16.56 15.88 14.76
N ILE B 316 -17.77 15.40 15.09
CA ILE B 316 -18.46 15.91 16.29
C ILE B 316 -18.35 14.89 17.41
N GLU B 317 -17.48 13.88 17.24
CA GLU B 317 -17.38 12.89 18.34
C GLU B 317 -16.58 13.46 19.52
N GLY B 318 -16.95 13.03 20.73
CA GLY B 318 -16.20 13.43 21.94
C GLY B 318 -15.22 12.37 22.41
N GLU B 319 -14.98 12.39 23.72
CA GLU B 319 -13.92 11.64 24.40
C GLU B 319 -14.15 10.11 24.48
N ASP B 320 -15.41 9.67 24.41
CA ASP B 320 -15.73 8.22 24.35
C ASP B 320 -15.26 7.59 23.05
N TYR B 321 -15.12 8.38 22.00
CA TYR B 321 -14.87 7.81 20.70
C TYR B 321 -13.40 8.10 20.32
N TYR B 322 -12.93 9.35 20.62
CA TYR B 322 -11.53 9.77 20.30
C TYR B 322 -10.84 10.28 21.53
N PRO B 323 -10.54 9.41 22.49
CA PRO B 323 -9.99 9.96 23.78
C PRO B 323 -8.58 10.56 23.58
N TRP B 324 -7.89 10.08 22.56
CA TRP B 324 -6.51 10.47 22.22
C TRP B 324 -6.40 11.84 21.47
N GLN B 325 -7.52 12.45 21.11
CA GLN B 325 -7.58 13.75 20.41
C GLN B 325 -7.60 14.96 21.38
N ASP B 326 -7.81 14.68 22.67
CA ASP B 326 -7.90 15.75 23.70
C ASP B 326 -6.54 16.38 23.94
N ASP B 327 -6.47 17.71 23.99
CA ASP B 327 -5.18 18.28 24.46
C ASP B 327 -3.93 17.89 23.58
N LEU B 328 -4.13 17.83 22.27
CA LEU B 328 -3.00 17.75 21.36
C LEU B 328 -2.32 19.11 21.26
N PHE B 329 -3.08 20.21 21.38
CA PHE B 329 -2.55 21.54 20.98
C PHE B 329 -2.59 22.53 22.13
N VAL B 330 -1.74 23.56 22.09
CA VAL B 330 -1.74 24.56 23.20
C VAL B 330 -3.12 25.24 23.21
N ALA B 331 -3.59 25.62 22.01
CA ALA B 331 -4.88 26.25 21.88
C ALA B 331 -5.56 25.55 20.67
N SER B 332 -6.75 24.99 20.88
CA SER B 332 -7.49 24.34 19.78
C SER B 332 -7.73 25.32 18.61
N PRO B 333 -7.43 24.91 17.38
CA PRO B 333 -7.77 25.80 16.23
C PRO B 333 -9.23 25.49 15.74
N TYR B 334 -10.03 24.78 16.55
CA TYR B 334 -11.26 24.18 16.02
C TYR B 334 -12.54 24.75 16.65
N GLU B 335 -12.52 26.00 17.11
CA GLU B 335 -13.73 26.66 17.57
C GLU B 335 -14.70 26.85 16.39
N ILE B 336 -15.97 26.53 16.59
CA ILE B 336 -16.96 26.64 15.52
C ILE B 336 -17.93 27.70 15.98
N VAL B 337 -18.25 28.65 15.08
CA VAL B 337 -19.22 29.71 15.35
C VAL B 337 -20.09 29.89 14.10
N ASP B 338 -21.41 29.83 14.24
CA ASP B 338 -22.35 29.98 13.13
C ASP B 338 -22.06 28.89 12.09
N GLY B 339 -21.66 27.71 12.55
CA GLY B 339 -21.46 26.55 11.71
C GLY B 339 -20.18 26.60 10.88
N LYS B 340 -19.27 27.54 11.19
CA LYS B 340 -18.05 27.77 10.40
C LYS B 340 -16.77 27.63 11.25
N ALA B 341 -15.72 27.07 10.65
CA ALA B 341 -14.37 27.05 11.23
C ALA B 341 -13.57 28.22 10.62
N THR B 342 -12.48 28.63 11.29
CA THR B 342 -11.71 29.82 10.86
C THR B 342 -10.22 29.45 10.70
N VAL B 343 -9.67 29.79 9.56
CA VAL B 343 -8.22 29.81 9.35
C VAL B 343 -7.71 31.22 9.65
N THR B 344 -6.81 31.33 10.61
CA THR B 344 -6.28 32.66 11.01
C THR B 344 -5.09 32.95 10.14
N ASP B 345 -4.59 34.16 10.29
CA ASP B 345 -3.41 34.59 9.60
C ASP B 345 -2.09 34.18 10.28
N LEU B 346 -2.11 33.30 11.30
CA LEU B 346 -0.85 32.83 11.96
C LEU B 346 0.01 32.12 10.94
N PRO B 347 1.37 32.29 10.99
CA PRO B 347 2.29 31.67 10.03
C PRO B 347 2.27 30.13 10.09
N GLY B 348 2.40 29.51 8.92
CA GLY B 348 2.39 28.07 8.78
C GLY B 348 1.01 27.52 9.07
N TRP B 349 0.96 26.45 9.86
CA TRP B 349 -0.31 25.86 10.30
C TRP B 349 -0.97 26.68 11.40
N GLY B 350 -0.22 27.51 12.10
CA GLY B 350 -0.77 28.39 13.15
C GLY B 350 -1.23 27.66 14.42
N VAL B 351 -0.51 26.59 14.81
CA VAL B 351 -0.84 25.81 16.03
C VAL B 351 0.45 25.42 16.69
N GLU B 352 0.38 25.10 17.97
CA GLU B 352 1.55 24.57 18.68
C GLU B 352 1.13 23.28 19.37
N VAL B 353 1.91 22.21 19.21
CA VAL B 353 1.66 20.97 19.92
C VAL B 353 1.82 21.17 21.44
N SER B 354 0.87 20.67 22.22
CA SER B 354 0.92 20.76 23.66
C SER B 354 2.25 20.21 24.28
N PRO B 355 2.94 21.01 25.15
CA PRO B 355 4.17 20.49 25.75
C PRO B 355 3.84 19.29 26.62
N THR B 356 2.63 19.27 27.20
CA THR B 356 2.15 18.18 28.04
C THR B 356 1.94 16.86 27.24
N TRP B 357 1.52 16.99 26.03
CA TRP B 357 1.46 15.85 25.14
C TRP B 357 2.89 15.38 24.77
N LEU B 358 3.73 16.33 24.33
CA LEU B 358 5.11 16.01 23.91
C LEU B 358 5.92 15.36 25.05
N GLU B 359 5.76 15.79 26.31
CA GLU B 359 6.65 15.24 27.40
C GLU B 359 6.57 13.70 27.42
N THR B 360 5.38 13.19 27.09
CA THR B 360 5.05 11.80 27.35
C THR B 360 5.22 10.98 26.00
N SER B 361 5.64 11.65 24.90
CA SER B 361 5.65 11.00 23.56
C SER B 361 6.91 10.14 23.42
N ALA B 362 6.87 9.21 22.47
CA ALA B 362 8.08 8.47 22.07
C ALA B 362 8.79 9.31 20.98
N HIS B 363 10.03 9.71 21.26
CA HIS B 363 10.81 10.57 20.38
C HIS B 363 11.81 9.76 19.56
N GLN B 364 11.94 10.12 18.30
CA GLN B 364 13.00 9.46 17.50
C GLN B 364 13.60 10.57 16.62
N ILE B 365 14.89 10.52 16.35
CA ILE B 365 15.54 11.51 15.51
C ILE B 365 16.43 10.86 14.43
N SER B 366 16.43 11.45 13.23
CA SER B 366 17.40 11.13 12.16
C SER B 366 18.08 12.42 11.82
N THR B 367 19.41 12.41 11.78
CA THR B 367 20.23 13.60 11.54
C THR B 367 21.13 13.43 10.33
N TRP B 368 21.25 14.49 9.58
CA TRP B 368 22.12 14.53 8.42
C TRP B 368 23.59 14.42 8.87
N GLN B 369 24.29 13.37 8.39
CA GLN B 369 25.68 13.14 8.83
C GLN B 369 26.71 13.95 7.95
MG MG C . 12.18 -8.36 -11.57
C1 MLI D . -7.80 -4.61 -1.01
C2 MLI D . -9.13 -4.88 -0.24
C3 MLI D . -7.59 -3.02 -1.13
O6 MLI D . -9.60 -3.91 0.39
O7 MLI D . -9.71 -6.02 -0.26
O8 MLI D . -8.11 -2.29 -0.23
O9 MLI D . -6.90 -2.51 -2.08
MG MG E . -16.01 8.63 4.84
C1 MLI F . 3.46 4.79 -6.67
C2 MLI F . 4.83 5.29 -7.25
C3 MLI F . 3.43 3.21 -6.57
O6 MLI F . 5.82 4.53 -7.09
O7 MLI F . 4.89 6.44 -7.84
O8 MLI F . 4.55 2.61 -6.55
O9 MLI F . 2.30 2.60 -6.46
#